data_8QBZ
#
_entry.id   8QBZ
#
_cell.length_a   52.967
_cell.length_b   89.664
_cell.length_c   153.545
_cell.angle_alpha   90.00
_cell.angle_beta   90.00
_cell.angle_gamma   90.00
#
_symmetry.space_group_name_H-M   'P 21 21 21'
#
loop_
_entity.id
_entity.type
_entity.pdbx_description
1 polymer 'Extracellular iron oxide respiratory system surface decaheme cytochrome c component MtrC'
2 non-polymer 'HEME C'
3 non-polymer 'CALCIUM ION'
4 non-polymer 1,2-ETHANEDIOL
5 non-polymer 'ACETATE ION'
6 water water
#
_entity_poly.entity_id   1
_entity_poly.type   'polypeptide(L)'
_entity_poly.pdbx_seq_one_letter_code
;MKFKLNLITLALLANTGLAVAADGGSDGNNGNDGSDGGEPAGSIQTLNLDITKVSYENGAPMVTVFATNEADMPVIGLAN
LEIKKALQLIPEGATGPGNSANWQGLGSSKSYVDNKNGSYTFKFDAFDSNKVFNAQLTQRFNVVSAAGKLADGTTVPVAE
MVEDFDGQGNAPQYTKNIVSHEVCASCHVEGEKIYHQATEVETCISCHTQEFADGRGKPHVAFSHLIHNVHNANKAWGKD
NKIPTVAQNIVQDNCQVCHVESDMLTEAKNWSRIPTMEVCSSCHVDIDFAAGKGHSQQLDNSNCIACHNSDWTAELHTAK
TTATKNLINQYGIETTSTINT(LBY)TKAATISVQVVDANGTAVDLKTILPKVQRLEIITNVGPNNATLGYSGKDSIFAI
KNGALDPKATINDAGKLVYTTTKDLKLGQNGADSDTAFSFVGWSMCSSEGKFVDCADPAFDGVDVTKYTGMKADLAFATL
SGKAPSTRHVDSVNMTACANCHTAEFEIHKGKQHAGFVMTEQLSHTQDANGKAIVGLDACVTCHTPDGTYSFANRGALEL
KLHKKHVEDAYGLIGGNCASCHSDFNLESFKKKGALNTAAAADKTGLYSTPITATCTTCHTVGSQYMVHTKETLESFGAV
VDGTKDDATSAAQSETCFYCHTPTVADHTKVKMSAWSHPQFEK
;
_entity_poly.pdbx_strand_id   A
#
loop_
_chem_comp.id
_chem_comp.type
_chem_comp.name
_chem_comp.formula
ACT non-polymer 'ACETATE ION' 'C2 H3 O2 -1'
CA non-polymer 'CALCIUM ION' 'Ca 2'
EDO non-polymer 1,2-ETHANEDIOL 'C2 H6 O2'
HEC non-polymer 'HEME C' 'C34 H34 Fe N4 O4'
#
# COMPACT_ATOMS: atom_id res chain seq x y z
N SER A 43 -6.31 22.24 -16.42
CA SER A 43 -7.49 21.77 -17.14
C SER A 43 -7.33 20.30 -17.58
N ILE A 44 -6.23 19.88 -18.23
CA ILE A 44 -6.11 18.47 -18.73
C ILE A 44 -5.80 17.54 -17.54
N GLN A 45 -6.59 16.48 -17.37
CA GLN A 45 -6.48 15.51 -16.24
C GLN A 45 -5.47 14.41 -16.60
N THR A 46 -5.58 13.84 -17.79
CA THR A 46 -4.67 12.77 -18.29
C THR A 46 -4.23 13.10 -19.72
N LEU A 47 -2.92 13.01 -19.98
CA LEU A 47 -2.37 13.16 -21.35
C LEU A 47 -2.01 11.75 -21.85
N ASN A 48 -2.74 11.28 -22.85
CA ASN A 48 -2.52 10.00 -23.56
C ASN A 48 -1.54 10.27 -24.70
N LEU A 49 -0.54 9.39 -24.88
CA LEU A 49 0.45 9.46 -25.98
C LEU A 49 0.44 8.12 -26.72
N ASP A 50 0.35 8.16 -28.04
CA ASP A 50 0.48 6.94 -28.90
C ASP A 50 1.55 7.24 -29.94
N ILE A 51 2.49 6.35 -30.18
CA ILE A 51 3.31 6.41 -31.44
C ILE A 51 2.48 5.74 -32.54
N THR A 52 2.01 6.56 -33.46
CA THR A 52 1.02 6.17 -34.47
C THR A 52 1.73 5.79 -35.76
N LYS A 53 2.97 6.25 -35.94
CA LYS A 53 3.72 5.99 -37.19
C LYS A 53 5.23 6.12 -36.96
N VAL A 54 5.97 5.13 -37.46
CA VAL A 54 7.46 5.15 -37.53
C VAL A 54 7.85 4.82 -38.96
N SER A 55 8.56 5.72 -39.63
CA SER A 55 9.01 5.48 -41.01
C SER A 55 10.52 5.65 -41.10
N TYR A 56 11.19 4.65 -41.66
CA TYR A 56 12.66 4.63 -41.91
C TYR A 56 12.96 5.00 -43.36
N GLU A 57 12.00 5.57 -44.08
CA GLU A 57 12.16 5.77 -45.55
C GLU A 57 13.27 6.77 -45.84
N ASN A 58 13.72 7.56 -44.86
CA ASN A 58 14.80 8.58 -45.06
C ASN A 58 16.10 8.15 -44.37
N GLY A 59 16.18 6.91 -43.88
CA GLY A 59 17.32 6.39 -43.09
C GLY A 59 16.98 6.39 -41.61
N ALA A 60 17.34 7.45 -40.89
CA ALA A 60 16.94 7.66 -39.48
C ALA A 60 15.41 7.74 -39.39
N PRO A 61 14.78 7.17 -38.33
CA PRO A 61 13.32 7.12 -38.27
C PRO A 61 12.68 8.50 -38.09
N MET A 62 11.54 8.69 -38.75
CA MET A 62 10.59 9.77 -38.44
C MET A 62 9.50 9.15 -37.59
N VAL A 63 9.21 9.75 -36.44
CA VAL A 63 8.32 9.16 -35.40
C VAL A 63 7.18 10.15 -35.14
N THR A 64 5.95 9.73 -35.40
CA THR A 64 4.75 10.57 -35.15
C THR A 64 4.08 10.11 -33.86
N VAL A 65 3.82 11.06 -32.97
CA VAL A 65 3.12 10.87 -31.68
C VAL A 65 1.79 11.61 -31.80
N PHE A 66 0.73 10.96 -31.32
CA PHE A 66 -0.64 11.53 -31.22
C PHE A 66 -0.97 11.68 -29.72
N ALA A 67 -1.31 12.91 -29.33
CA ALA A 67 -1.59 13.34 -27.94
C ALA A 67 -3.08 13.63 -27.79
N THR A 68 -3.72 12.96 -26.84
CA THR A 68 -5.15 13.14 -26.52
C THR A 68 -5.33 13.36 -25.02
N ASN A 69 -6.40 14.04 -24.65
CA ASN A 69 -6.76 14.24 -23.21
C ASN A 69 -7.70 13.10 -22.79
N GLU A 70 -8.29 13.24 -21.61
CA GLU A 70 -9.12 12.21 -20.95
C GLU A 70 -10.43 12.03 -21.73
N ALA A 71 -10.84 13.02 -22.52
CA ALA A 71 -12.04 12.97 -23.38
C ALA A 71 -11.68 12.50 -24.79
N ASP A 72 -10.42 12.12 -25.01
CA ASP A 72 -9.90 11.65 -26.34
C ASP A 72 -9.92 12.80 -27.36
N MET A 73 -9.87 14.04 -26.90
N MET A 73 -9.89 14.05 -26.88
CA MET A 73 -9.73 15.22 -27.77
CA MET A 73 -9.72 15.29 -27.69
C MET A 73 -8.25 15.43 -28.04
C MET A 73 -8.24 15.41 -28.03
N PRO A 74 -7.85 15.77 -29.29
CA PRO A 74 -6.45 16.09 -29.60
C PRO A 74 -5.87 17.25 -28.78
N VAL A 75 -4.65 17.07 -28.30
CA VAL A 75 -3.93 18.09 -27.49
C VAL A 75 -2.92 18.79 -28.40
N ILE A 76 -3.14 20.07 -28.69
CA ILE A 76 -2.27 20.89 -29.58
C ILE A 76 -1.44 21.84 -28.71
N GLY A 77 -0.17 22.02 -29.06
CA GLY A 77 0.72 23.05 -28.48
C GLY A 77 1.67 22.50 -27.44
N LEU A 78 1.80 21.18 -27.31
CA LEU A 78 2.77 20.56 -26.37
C LEU A 78 4.15 21.11 -26.68
N ALA A 79 4.83 21.63 -25.66
CA ALA A 79 6.11 22.37 -25.79
C ALA A 79 7.27 21.52 -25.25
N ASN A 80 6.98 20.42 -24.55
CA ASN A 80 8.03 19.65 -23.82
C ASN A 80 7.92 18.16 -24.15
N LEU A 81 7.58 17.84 -25.39
CA LEU A 81 7.50 16.45 -25.89
C LEU A 81 8.91 16.04 -26.30
N GLU A 82 9.33 14.81 -25.99
CA GLU A 82 10.69 14.36 -26.39
C GLU A 82 10.67 12.86 -26.60
N ILE A 83 11.51 12.38 -27.51
CA ILE A 83 11.92 10.95 -27.50
C ILE A 83 13.14 10.92 -26.58
N LYS A 84 12.91 10.50 -25.35
CA LYS A 84 13.93 10.51 -24.28
C LYS A 84 14.99 9.46 -24.64
N LYS A 85 14.57 8.33 -25.23
CA LYS A 85 15.50 7.25 -25.66
C LYS A 85 14.95 6.53 -26.88
N ALA A 86 15.83 6.31 -27.87
CA ALA A 86 15.61 5.36 -28.97
C ALA A 86 16.51 4.16 -28.71
N LEU A 87 15.96 2.96 -28.71
CA LEU A 87 16.66 1.73 -28.33
C LEU A 87 16.33 0.65 -29.36
N GLN A 88 17.08 -0.44 -29.35
CA GLN A 88 16.74 -1.70 -30.05
C GLN A 88 17.12 -2.87 -29.15
N LEU A 89 16.43 -3.99 -29.31
CA LEU A 89 16.49 -5.12 -28.36
C LEU A 89 17.48 -6.17 -28.89
N ILE A 90 18.64 -6.26 -28.24
CA ILE A 90 19.59 -7.39 -28.39
C ILE A 90 18.90 -8.57 -27.72
N PRO A 91 18.62 -9.67 -28.45
CA PRO A 91 17.83 -10.76 -27.90
C PRO A 91 18.55 -11.53 -26.77
N GLU A 92 17.72 -12.16 -25.95
CA GLU A 92 18.05 -13.12 -24.89
C GLU A 92 19.13 -14.07 -25.41
N GLY A 93 20.28 -14.20 -24.72
CA GLY A 93 21.34 -15.15 -25.08
C GLY A 93 22.34 -14.64 -26.12
N ALA A 94 22.09 -13.54 -26.82
CA ALA A 94 22.97 -13.07 -27.93
C ALA A 94 24.33 -12.63 -27.38
N THR A 95 24.37 -12.06 -26.18
CA THR A 95 25.63 -11.61 -25.53
C THR A 95 26.28 -12.79 -24.81
N GLY A 96 25.60 -13.93 -24.78
CA GLY A 96 26.16 -15.15 -24.20
C GLY A 96 25.09 -16.05 -23.59
N PRO A 97 25.41 -17.36 -23.42
CA PRO A 97 24.43 -18.35 -22.98
C PRO A 97 23.92 -18.00 -21.57
N GLY A 98 22.60 -17.93 -21.43
CA GLY A 98 21.92 -17.61 -20.15
C GLY A 98 21.71 -16.12 -19.96
N ASN A 99 22.27 -15.26 -20.82
CA ASN A 99 22.33 -13.80 -20.58
C ASN A 99 20.97 -13.20 -20.94
N SER A 100 20.62 -12.09 -20.29
CA SER A 100 19.38 -11.33 -20.57
C SER A 100 19.45 -10.66 -21.93
N ALA A 101 18.29 -10.44 -22.55
CA ALA A 101 18.07 -9.44 -23.61
C ALA A 101 18.45 -8.08 -23.05
N ASN A 102 18.97 -7.18 -23.89
N ASN A 102 18.89 -7.14 -23.89
CA ASN A 102 19.47 -5.84 -23.49
CA ASN A 102 19.27 -5.81 -23.37
C ASN A 102 18.95 -4.78 -24.46
C ASN A 102 19.03 -4.76 -24.44
N TRP A 103 18.78 -3.54 -23.99
CA TRP A 103 18.37 -2.39 -24.84
C TRP A 103 19.65 -1.66 -25.23
N GLN A 104 19.97 -1.72 -26.52
CA GLN A 104 21.12 -1.01 -27.10
C GLN A 104 20.67 0.38 -27.52
N GLY A 105 21.49 1.38 -27.20
CA GLY A 105 21.19 2.81 -27.36
C GLY A 105 21.32 3.26 -28.81
N LEU A 106 20.31 4.00 -29.29
CA LEU A 106 20.29 4.59 -30.65
C LEU A 106 20.19 6.13 -30.60
N GLY A 107 20.03 6.74 -29.42
CA GLY A 107 20.00 8.21 -29.29
C GLY A 107 18.70 8.71 -28.69
N SER A 108 18.30 9.93 -29.06
CA SER A 108 17.22 10.70 -28.40
C SER A 108 16.90 11.90 -29.28
N SER A 109 15.76 12.54 -29.07
CA SER A 109 15.38 13.72 -29.89
C SER A 109 14.42 14.62 -29.13
N LYS A 110 14.67 15.93 -29.19
CA LYS A 110 13.71 16.98 -28.81
C LYS A 110 13.31 17.80 -30.05
N SER A 111 13.65 17.32 -31.24
N SER A 111 13.62 17.30 -31.25
CA SER A 111 13.33 18.00 -32.52
CA SER A 111 13.37 17.98 -32.54
C SER A 111 12.02 17.43 -33.06
C SER A 111 12.06 17.48 -33.14
N TYR A 112 10.98 18.26 -33.05
CA TYR A 112 9.66 17.84 -33.55
C TYR A 112 8.88 19.03 -34.08
N VAL A 113 8.00 18.72 -35.02
CA VAL A 113 6.98 19.65 -35.57
C VAL A 113 5.64 19.33 -34.89
N ASP A 114 5.00 20.36 -34.35
CA ASP A 114 3.59 20.32 -33.92
C ASP A 114 2.75 20.39 -35.21
N ASN A 115 2.07 19.30 -35.55
CA ASN A 115 1.27 19.22 -36.80
C ASN A 115 -0.11 19.91 -36.67
N LYS A 116 -0.43 20.51 -35.52
CA LYS A 116 -1.65 21.32 -35.29
C LYS A 116 -2.92 20.46 -35.28
N ASN A 117 -2.83 19.14 -35.12
CA ASN A 117 -4.03 18.26 -35.14
C ASN A 117 -3.98 17.26 -33.99
N GLY A 118 -3.07 17.46 -33.04
CA GLY A 118 -2.80 16.51 -31.96
C GLY A 118 -1.65 15.58 -32.29
N SER A 119 -1.17 15.60 -33.55
CA SER A 119 -0.01 14.79 -33.99
C SER A 119 1.26 15.64 -33.96
N TYR A 120 2.40 14.99 -33.67
CA TYR A 120 3.75 15.60 -33.56
C TYR A 120 4.71 14.66 -34.26
N THR A 121 5.60 15.18 -35.10
CA THR A 121 6.53 14.35 -35.89
C THR A 121 7.95 14.68 -35.50
N PHE A 122 8.66 13.69 -34.94
CA PHE A 122 10.09 13.77 -34.55
C PHE A 122 11.00 13.43 -35.73
N LYS A 123 12.11 14.18 -35.85
CA LYS A 123 13.30 13.78 -36.63
C LYS A 123 14.50 13.67 -35.67
N PHE A 124 15.51 12.91 -36.05
CA PHE A 124 16.75 12.73 -35.28
C PHE A 124 17.87 13.48 -35.98
N ASP A 125 18.50 14.44 -35.29
CA ASP A 125 19.65 15.22 -35.84
C ASP A 125 20.88 14.30 -35.85
N ALA A 126 21.01 13.40 -34.86
CA ALA A 126 22.18 12.54 -34.66
C ALA A 126 21.73 11.13 -34.29
N PHE A 127 20.99 10.46 -35.16
CA PHE A 127 20.48 9.09 -34.88
C PHE A 127 21.65 8.09 -34.91
N ASP A 128 21.69 7.19 -33.95
CA ASP A 128 22.61 6.01 -33.95
C ASP A 128 24.07 6.47 -34.15
N SER A 129 24.54 7.36 -33.27
N SER A 129 24.54 7.37 -33.29
CA SER A 129 25.93 7.89 -33.29
CA SER A 129 25.94 7.88 -33.30
C SER A 129 26.97 6.75 -33.17
C SER A 129 26.94 6.70 -33.28
N ASN A 130 26.59 5.59 -32.62
CA ASN A 130 27.50 4.42 -32.46
C ASN A 130 27.42 3.45 -33.65
N LYS A 131 26.59 3.77 -34.65
CA LYS A 131 26.42 2.99 -35.90
C LYS A 131 26.14 1.51 -35.57
N VAL A 132 25.15 1.25 -34.71
CA VAL A 132 24.81 -0.15 -34.34
C VAL A 132 23.42 -0.51 -34.87
N PHE A 133 22.73 0.39 -35.56
CA PHE A 133 21.32 0.19 -35.95
C PHE A 133 21.22 -1.12 -36.74
N ASN A 134 20.27 -1.98 -36.34
CA ASN A 134 20.02 -3.28 -37.00
C ASN A 134 18.51 -3.47 -37.18
N ALA A 135 18.02 -3.42 -38.42
CA ALA A 135 16.58 -3.44 -38.78
C ALA A 135 15.97 -4.81 -38.47
N GLN A 136 16.79 -5.83 -38.22
CA GLN A 136 16.32 -7.17 -37.80
C GLN A 136 15.91 -7.17 -36.32
N LEU A 137 16.24 -6.12 -35.55
CA LEU A 137 15.91 -6.04 -34.10
C LEU A 137 14.66 -5.21 -33.85
N THR A 138 13.93 -5.56 -32.79
CA THR A 138 12.84 -4.74 -32.21
C THR A 138 13.37 -3.33 -31.89
N GLN A 139 12.65 -2.31 -32.30
CA GLN A 139 12.98 -0.88 -32.07
C GLN A 139 12.02 -0.34 -31.00
N ARG A 140 12.57 0.31 -29.98
CA ARG A 140 11.78 0.93 -28.89
C ARG A 140 11.99 2.44 -28.90
N PHE A 141 10.92 3.19 -28.69
CA PHE A 141 10.92 4.67 -28.48
C PHE A 141 10.29 4.96 -27.14
N ASN A 142 11.02 5.68 -26.28
CA ASN A 142 10.54 6.15 -24.95
C ASN A 142 10.18 7.63 -25.10
N VAL A 143 8.87 7.93 -25.08
CA VAL A 143 8.33 9.31 -25.30
C VAL A 143 7.86 9.88 -23.95
N VAL A 144 8.28 11.10 -23.64
CA VAL A 144 7.94 11.80 -22.37
C VAL A 144 7.43 13.20 -22.73
N SER A 145 6.39 13.64 -22.01
CA SER A 145 5.87 15.03 -21.98
C SER A 145 5.96 15.55 -20.54
N ALA A 146 6.80 16.55 -20.29
CA ALA A 146 6.96 17.17 -18.96
C ALA A 146 5.65 17.88 -18.62
N ALA A 147 5.21 17.78 -17.36
CA ALA A 147 4.15 18.63 -16.79
C ALA A 147 4.45 20.10 -17.12
N GLY A 148 3.41 20.90 -17.40
CA GLY A 148 3.56 22.33 -17.75
C GLY A 148 2.23 22.92 -18.19
N LYS A 149 2.27 23.86 -19.13
CA LYS A 149 1.08 24.65 -19.55
C LYS A 149 1.18 24.92 -21.04
N LEU A 150 0.07 24.78 -21.77
CA LEU A 150 -0.02 25.20 -23.19
C LEU A 150 0.01 26.73 -23.22
N ALA A 151 0.16 27.33 -24.42
CA ALA A 151 0.21 28.80 -24.62
C ALA A 151 -1.01 29.46 -23.97
N ASP A 152 -2.19 28.90 -24.23
CA ASP A 152 -3.50 29.40 -23.71
C ASP A 152 -3.55 29.29 -22.18
N GLY A 153 -2.60 28.59 -21.55
CA GLY A 153 -2.45 28.48 -20.09
C GLY A 153 -3.06 27.19 -19.53
N THR A 154 -3.63 26.34 -20.40
CA THR A 154 -4.13 25.00 -20.01
C THR A 154 -2.99 24.25 -19.32
N THR A 155 -3.21 23.75 -18.12
CA THR A 155 -2.24 22.87 -17.41
C THR A 155 -2.31 21.49 -18.06
N VAL A 156 -1.13 20.89 -18.25
CA VAL A 156 -0.94 19.54 -18.84
C VAL A 156 -0.11 18.72 -17.86
N PRO A 157 -0.57 17.51 -17.47
CA PRO A 157 0.22 16.65 -16.61
C PRO A 157 1.33 15.95 -17.38
N VAL A 158 2.27 15.38 -16.64
CA VAL A 158 3.38 14.57 -17.20
C VAL A 158 2.75 13.35 -17.88
N ALA A 159 3.40 12.88 -18.93
CA ALA A 159 3.02 11.62 -19.60
C ALA A 159 4.29 10.95 -20.10
N GLU A 160 4.32 9.64 -20.02
CA GLU A 160 5.47 8.81 -20.44
C GLU A 160 4.91 7.55 -21.09
N MET A 161 5.64 7.00 -22.04
CA MET A 161 5.28 5.66 -22.58
C MET A 161 6.48 5.11 -23.35
N VAL A 162 6.40 3.83 -23.63
CA VAL A 162 7.29 3.16 -24.60
C VAL A 162 6.36 2.50 -25.60
N GLU A 163 6.82 2.36 -26.84
CA GLU A 163 6.19 1.44 -27.80
C GLU A 163 7.29 0.78 -28.64
N ASP A 164 7.08 -0.50 -28.91
CA ASP A 164 8.03 -1.36 -29.66
C ASP A 164 7.48 -1.64 -31.06
N PHE A 165 8.40 -1.82 -32.00
CA PHE A 165 8.19 -1.95 -33.47
C PHE A 165 9.27 -2.90 -34.00
N ASP A 166 9.09 -3.42 -35.22
CA ASP A 166 10.20 -4.06 -35.97
C ASP A 166 11.05 -2.95 -36.63
N GLY A 167 12.08 -3.34 -37.37
CA GLY A 167 13.04 -2.42 -37.99
C GLY A 167 12.48 -1.65 -39.16
N GLN A 168 11.21 -1.86 -39.53
CA GLN A 168 10.54 -1.05 -40.59
C GLN A 168 9.38 -0.21 -40.04
N GLY A 169 9.16 -0.21 -38.72
CA GLY A 169 8.06 0.56 -38.13
C GLY A 169 6.76 -0.20 -38.07
N ASN A 170 6.76 -1.51 -38.39
CA ASN A 170 5.59 -2.40 -38.17
C ASN A 170 5.61 -2.92 -36.73
N ALA A 171 4.66 -3.78 -36.38
CA ALA A 171 4.56 -4.38 -35.03
C ALA A 171 5.81 -5.23 -34.82
N PRO A 172 6.29 -5.34 -33.57
CA PRO A 172 7.53 -6.06 -33.28
C PRO A 172 7.35 -7.59 -33.31
N GLN A 173 8.44 -8.30 -33.58
CA GLN A 173 8.47 -9.78 -33.67
C GLN A 173 8.73 -10.39 -32.29
N TYR A 174 9.36 -9.64 -31.39
CA TYR A 174 9.76 -10.14 -30.05
C TYR A 174 9.93 -8.93 -29.13
N THR A 175 9.78 -9.17 -27.84
CA THR A 175 9.76 -8.10 -26.81
C THR A 175 10.54 -8.52 -25.58
N LYS A 176 10.81 -7.56 -24.71
CA LYS A 176 11.26 -7.80 -23.32
C LYS A 176 10.26 -7.06 -22.39
N ASN A 177 9.05 -7.61 -22.28
CA ASN A 177 7.95 -7.05 -21.47
C ASN A 177 7.80 -7.93 -20.23
N ILE A 178 8.37 -7.49 -19.11
CA ILE A 178 8.45 -8.31 -17.86
C ILE A 178 7.51 -7.73 -16.79
N VAL A 179 7.56 -6.41 -16.57
CA VAL A 179 6.72 -5.67 -15.60
C VAL A 179 6.03 -4.53 -16.35
N SER A 180 4.97 -3.96 -15.76
CA SER A 180 4.38 -2.71 -16.25
C SER A 180 4.36 -1.69 -15.12
N HIS A 181 4.39 -0.41 -15.47
CA HIS A 181 4.40 0.72 -14.51
C HIS A 181 3.36 0.52 -13.39
N GLU A 182 2.22 -0.12 -13.65
CA GLU A 182 1.11 -0.17 -12.68
C GLU A 182 1.57 -0.73 -11.33
N VAL A 183 2.46 -1.74 -11.30
CA VAL A 183 2.86 -2.37 -10.00
C VAL A 183 3.54 -1.32 -9.11
N CYS A 184 4.35 -0.41 -9.67
CA CYS A 184 5.04 0.65 -8.91
C CYS A 184 4.00 1.57 -8.21
N ALA A 185 2.89 1.89 -8.90
CA ALA A 185 1.81 2.80 -8.44
C ALA A 185 1.07 2.19 -7.25
N SER A 186 1.19 0.88 -7.04
CA SER A 186 0.67 0.20 -5.82
C SER A 186 1.24 0.88 -4.56
N CYS A 187 2.50 1.34 -4.58
CA CYS A 187 3.21 1.88 -3.38
C CYS A 187 3.84 3.26 -3.64
N HIS A 188 4.12 3.66 -4.88
CA HIS A 188 4.69 5.00 -5.22
C HIS A 188 3.58 5.85 -5.85
N VAL A 189 3.39 7.09 -5.39
CA VAL A 189 2.31 7.96 -5.93
C VAL A 189 2.46 8.04 -7.45
N GLU A 190 1.42 7.64 -8.17
CA GLU A 190 1.34 7.68 -9.64
C GLU A 190 1.42 9.14 -10.08
N GLY A 191 2.21 9.46 -11.11
CA GLY A 191 2.35 10.83 -11.64
C GLY A 191 3.44 11.63 -10.93
N GLU A 192 4.01 11.11 -9.85
CA GLU A 192 5.19 11.69 -9.16
C GLU A 192 6.45 10.91 -9.54
N LYS A 193 7.60 11.59 -9.62
CA LYS A 193 8.88 10.92 -9.89
C LYS A 193 9.15 9.86 -8.81
N ILE A 194 9.69 8.72 -9.21
CA ILE A 194 10.16 7.68 -8.27
C ILE A 194 11.67 7.84 -8.19
N TYR A 195 12.13 8.41 -7.09
CA TYR A 195 13.54 8.77 -6.82
C TYR A 195 13.97 9.96 -7.68
N HIS A 196 14.03 9.81 -9.01
CA HIS A 196 14.42 10.91 -9.93
C HIS A 196 13.96 10.62 -11.35
N GLN A 197 14.14 11.60 -12.25
CA GLN A 197 14.16 11.47 -13.73
C GLN A 197 12.77 11.25 -14.33
N ALA A 198 11.94 10.34 -13.78
CA ALA A 198 10.72 9.84 -14.45
C ALA A 198 9.71 9.34 -13.44
N THR A 199 8.50 9.02 -13.92
CA THR A 199 7.32 8.59 -13.13
C THR A 199 6.90 7.14 -13.43
N GLU A 200 7.38 6.57 -14.54
CA GLU A 200 6.98 5.21 -14.99
C GLU A 200 8.23 4.34 -15.17
N VAL A 201 8.14 3.07 -14.73
CA VAL A 201 9.27 2.09 -14.68
C VAL A 201 9.88 1.93 -16.08
N GLU A 202 9.08 2.02 -17.15
CA GLU A 202 9.58 1.77 -18.52
C GLU A 202 10.61 2.84 -18.89
N THR A 203 10.43 4.05 -18.39
CA THR A 203 11.40 5.14 -18.60
C THR A 203 12.70 4.79 -17.86
N CYS A 204 12.61 4.32 -16.61
CA CYS A 204 13.78 3.88 -15.81
C CYS A 204 14.58 2.83 -16.62
N ILE A 205 13.84 1.84 -17.14
CA ILE A 205 14.41 0.65 -17.80
C ILE A 205 15.13 1.09 -19.08
N SER A 206 14.60 2.15 -19.74
CA SER A 206 15.09 2.63 -21.05
C SER A 206 16.40 3.40 -20.89
N CYS A 207 16.75 3.85 -19.67
CA CYS A 207 18.02 4.58 -19.42
C CYS A 207 18.99 3.68 -18.66
N HIS A 208 18.53 3.00 -17.61
CA HIS A 208 19.35 2.12 -16.73
C HIS A 208 19.57 0.77 -17.45
N THR A 209 20.15 0.80 -18.65
CA THR A 209 20.38 -0.39 -19.52
C THR A 209 21.70 -1.07 -19.14
N GLN A 210 21.93 -2.28 -19.64
CA GLN A 210 23.22 -2.97 -19.46
C GLN A 210 24.33 -2.11 -20.09
N GLU A 211 24.09 -1.57 -21.28
CA GLU A 211 25.04 -0.69 -22.01
C GLU A 211 25.44 0.49 -21.12
N PHE A 212 24.45 1.11 -20.48
CA PHE A 212 24.63 2.29 -19.58
C PHE A 212 25.56 1.91 -18.41
N ALA A 213 25.26 0.79 -17.75
CA ALA A 213 26.03 0.27 -16.60
C ALA A 213 27.46 -0.06 -17.03
N ASP A 214 27.65 -0.80 -18.11
CA ASP A 214 28.99 -1.17 -18.65
C ASP A 214 29.83 0.08 -18.93
N GLY A 215 29.20 1.09 -19.52
CA GLY A 215 29.84 2.37 -19.89
C GLY A 215 30.34 3.14 -18.67
N ARG A 216 29.70 2.96 -17.51
CA ARG A 216 30.12 3.62 -16.25
C ARG A 216 30.96 2.69 -15.38
N GLY A 217 31.23 1.46 -15.81
CA GLY A 217 31.92 0.43 -15.00
C GLY A 217 31.18 0.14 -13.70
N LYS A 218 29.84 0.25 -13.70
CA LYS A 218 28.96 0.10 -12.51
C LYS A 218 27.82 -0.87 -12.85
N PRO A 219 28.12 -2.20 -12.86
CA PRO A 219 27.08 -3.22 -13.04
C PRO A 219 25.83 -2.98 -12.19
N HIS A 220 25.99 -2.51 -10.96
CA HIS A 220 24.87 -2.35 -10.01
C HIS A 220 23.86 -1.28 -10.51
N VAL A 221 24.18 -0.42 -11.50
CA VAL A 221 23.18 0.63 -11.92
C VAL A 221 22.35 0.13 -13.10
N ALA A 222 22.59 -1.10 -13.59
CA ALA A 222 21.66 -1.81 -14.52
C ALA A 222 20.32 -1.94 -13.79
N PHE A 223 19.20 -1.59 -14.43
CA PHE A 223 17.93 -1.47 -13.69
C PHE A 223 17.57 -2.81 -13.02
N SER A 224 17.85 -3.93 -13.70
N SER A 224 17.85 -3.93 -13.70
CA SER A 224 17.46 -5.28 -13.23
CA SER A 224 17.49 -5.30 -13.24
C SER A 224 18.22 -5.65 -11.95
C SER A 224 18.24 -5.67 -11.97
N HIS A 225 19.32 -4.94 -11.65
CA HIS A 225 20.07 -5.11 -10.36
C HIS A 225 19.53 -4.07 -9.38
N LEU A 226 19.59 -2.79 -9.78
CA LEU A 226 19.20 -1.62 -8.98
C LEU A 226 17.83 -1.85 -8.33
N ILE A 227 16.83 -2.24 -9.13
CA ILE A 227 15.43 -2.30 -8.65
C ILE A 227 15.31 -3.18 -7.39
N HIS A 228 15.99 -4.32 -7.36
CA HIS A 228 15.95 -5.26 -6.22
C HIS A 228 16.79 -4.69 -5.08
N ASN A 229 17.94 -4.13 -5.44
CA ASN A 229 18.94 -3.55 -4.52
C ASN A 229 18.24 -2.51 -3.65
N VAL A 230 17.43 -1.65 -4.24
CA VAL A 230 16.90 -0.47 -3.48
C VAL A 230 15.77 -0.90 -2.56
N HIS A 231 15.24 -2.12 -2.69
CA HIS A 231 14.14 -2.61 -1.82
C HIS A 231 14.60 -3.72 -0.87
N ASN A 232 15.88 -4.07 -0.91
CA ASN A 232 16.46 -5.20 -0.13
C ASN A 232 17.58 -4.68 0.77
N ALA A 233 17.56 -5.07 2.05
CA ALA A 233 18.44 -4.48 3.09
C ALA A 233 19.74 -5.27 3.23
N ASN A 234 20.05 -6.22 2.37
CA ASN A 234 21.31 -7.01 2.49
C ASN A 234 22.53 -6.14 2.17
N LYS A 235 22.38 -5.14 1.32
CA LYS A 235 23.47 -4.17 1.08
C LYS A 235 22.87 -2.78 0.90
N ALA A 236 23.65 -1.76 1.25
CA ALA A 236 23.38 -0.33 1.05
C ALA A 236 23.55 0.04 -0.42
N TRP A 237 22.98 1.18 -0.81
CA TRP A 237 23.05 1.77 -2.17
C TRP A 237 23.26 3.29 -2.09
N GLY A 238 23.85 3.88 -3.13
CA GLY A 238 24.08 5.34 -3.22
C GLY A 238 25.37 5.78 -2.54
N LYS A 239 25.83 7.01 -2.79
CA LYS A 239 27.13 7.49 -2.24
C LYS A 239 27.07 7.44 -0.71
N ASP A 240 25.87 7.65 -0.13
CA ASP A 240 25.63 7.75 1.33
C ASP A 240 25.20 6.40 1.94
N ASN A 241 25.27 5.30 1.21
CA ASN A 241 25.07 3.95 1.81
C ASN A 241 23.75 3.91 2.60
N LYS A 242 22.64 4.21 1.93
CA LYS A 242 21.28 3.98 2.49
C LYS A 242 21.02 2.47 2.59
N ILE A 243 20.78 1.98 3.80
CA ILE A 243 20.23 0.62 4.06
C ILE A 243 18.74 0.72 3.80
N PRO A 244 18.15 -0.09 2.88
CA PRO A 244 16.71 -0.04 2.61
C PRO A 244 15.85 -0.76 3.67
N THR A 245 15.98 -0.33 4.93
CA THR A 245 15.24 -0.91 6.09
C THR A 245 13.73 -0.83 5.86
N VAL A 246 13.24 0.33 5.46
CA VAL A 246 11.78 0.56 5.27
C VAL A 246 11.31 -0.21 4.01
N ALA A 247 12.01 -0.07 2.88
CA ALA A 247 11.67 -0.81 1.65
C ALA A 247 11.60 -2.31 1.99
N GLN A 248 12.59 -2.81 2.72
CA GLN A 248 12.68 -4.23 3.10
C GLN A 248 11.45 -4.59 3.93
N ASN A 249 11.09 -3.72 4.87
CA ASN A 249 9.94 -3.97 5.78
C ASN A 249 8.63 -4.08 4.98
N ILE A 250 8.46 -3.32 3.90
CA ILE A 250 7.19 -3.31 3.10
C ILE A 250 7.23 -4.41 2.03
N VAL A 251 8.28 -4.42 1.19
CA VAL A 251 8.37 -5.37 0.03
C VAL A 251 8.64 -6.79 0.54
N GLN A 252 9.53 -6.95 1.53
CA GLN A 252 9.82 -8.27 2.16
C GLN A 252 10.19 -9.31 1.10
N ASP A 253 10.96 -8.89 0.09
CA ASP A 253 11.45 -9.74 -1.02
C ASP A 253 10.29 -10.51 -1.70
N ASN A 254 9.09 -9.93 -1.71
N ASN A 254 9.05 -9.98 -1.65
CA ASN A 254 7.89 -10.63 -2.26
CA ASN A 254 7.90 -10.67 -2.29
C ASN A 254 7.82 -10.32 -3.77
C ASN A 254 7.88 -10.30 -3.77
N CYS A 255 8.41 -11.20 -4.59
CA CYS A 255 8.52 -11.06 -6.07
C CYS A 255 7.17 -10.65 -6.67
N GLN A 256 6.07 -11.11 -6.10
CA GLN A 256 4.72 -10.98 -6.70
C GLN A 256 4.17 -9.57 -6.53
N VAL A 257 4.81 -8.66 -5.82
CA VAL A 257 4.33 -7.25 -5.76
C VAL A 257 4.77 -6.49 -7.04
N CYS A 258 5.68 -7.04 -7.82
CA CYS A 258 6.14 -6.40 -9.09
C CYS A 258 6.01 -7.36 -10.27
N HIS A 259 6.33 -8.66 -10.07
CA HIS A 259 6.25 -9.73 -11.10
C HIS A 259 4.87 -10.38 -11.02
N VAL A 260 4.00 -10.01 -11.95
CA VAL A 260 2.56 -10.36 -11.92
C VAL A 260 2.29 -11.04 -13.26
N GLU A 261 1.62 -12.19 -13.23
CA GLU A 261 1.40 -12.95 -14.49
C GLU A 261 0.34 -12.13 -15.23
N SER A 262 0.48 -12.00 -16.54
CA SER A 262 -0.19 -10.96 -17.36
C SER A 262 -0.13 -11.38 -18.82
N ASP A 263 -1.26 -11.27 -19.50
CA ASP A 263 -1.43 -11.70 -20.92
C ASP A 263 -0.85 -10.61 -21.82
N MET A 264 -0.63 -9.41 -21.30
CA MET A 264 -0.08 -8.26 -22.06
C MET A 264 1.46 -8.26 -22.02
N LEU A 265 2.06 -9.06 -21.14
CA LEU A 265 3.52 -9.08 -20.86
C LEU A 265 4.07 -10.48 -21.10
N THR A 266 4.53 -10.79 -22.33
CA THR A 266 4.88 -12.16 -22.73
C THR A 266 6.20 -12.60 -22.07
N GLU A 267 6.99 -11.69 -21.48
CA GLU A 267 8.23 -12.09 -20.75
C GLU A 267 8.03 -12.00 -19.22
N ALA A 268 6.79 -11.98 -18.74
CA ALA A 268 6.50 -11.80 -17.29
C ALA A 268 7.20 -12.87 -16.43
N LYS A 269 7.38 -14.11 -16.93
CA LYS A 269 8.01 -15.23 -16.15
C LYS A 269 9.55 -15.18 -16.18
N ASN A 270 10.16 -14.15 -16.75
CA ASN A 270 11.63 -13.98 -16.74
C ASN A 270 12.18 -13.93 -15.32
N TRP A 271 11.40 -13.50 -14.32
CA TRP A 271 11.89 -13.42 -12.93
C TRP A 271 12.34 -14.80 -12.45
N SER A 272 11.72 -15.88 -12.92
CA SER A 272 12.09 -17.26 -12.50
C SER A 272 12.84 -17.98 -13.61
N ARG A 273 12.68 -17.54 -14.87
CA ARG A 273 13.19 -18.25 -16.08
C ARG A 273 14.59 -17.77 -16.50
N ILE A 274 15.00 -16.54 -16.15
CA ILE A 274 16.35 -16.02 -16.55
C ILE A 274 17.18 -15.75 -15.29
N PRO A 275 17.73 -16.79 -14.61
CA PRO A 275 18.70 -16.56 -13.53
C PRO A 275 20.06 -16.11 -14.08
N THR A 276 20.59 -15.00 -13.56
CA THR A 276 21.93 -14.49 -13.95
C THR A 276 22.64 -14.00 -12.71
N MET A 277 23.97 -14.06 -12.69
CA MET A 277 24.70 -13.55 -11.50
C MET A 277 24.43 -12.06 -11.34
N GLU A 278 24.19 -11.33 -12.43
CA GLU A 278 24.03 -9.86 -12.37
C GLU A 278 22.76 -9.49 -11.58
N VAL A 279 21.67 -10.23 -11.76
CA VAL A 279 20.37 -9.88 -11.12
C VAL A 279 20.28 -10.58 -9.75
N CYS A 280 20.61 -11.87 -9.70
CA CYS A 280 20.43 -12.70 -8.49
C CYS A 280 21.31 -12.12 -7.37
N SER A 281 22.46 -11.57 -7.72
CA SER A 281 23.42 -10.95 -6.75
C SER A 281 22.87 -9.67 -6.10
N SER A 282 21.79 -9.07 -6.61
CA SER A 282 21.26 -7.77 -6.11
C SER A 282 20.80 -7.94 -4.65
N CYS A 283 20.26 -9.12 -4.29
CA CYS A 283 19.86 -9.47 -2.91
C CYS A 283 20.85 -10.49 -2.32
N HIS A 284 21.39 -11.39 -3.14
CA HIS A 284 22.34 -12.44 -2.71
C HIS A 284 23.76 -11.86 -2.78
N VAL A 285 24.08 -10.99 -1.82
CA VAL A 285 25.21 -10.02 -1.93
C VAL A 285 26.52 -10.66 -1.46
N ASP A 286 26.49 -11.83 -0.83
CA ASP A 286 27.70 -12.40 -0.17
C ASP A 286 28.30 -13.50 -1.06
N ILE A 287 27.71 -13.80 -2.22
CA ILE A 287 28.31 -14.80 -3.15
C ILE A 287 29.39 -14.10 -3.97
N ASP A 288 30.51 -14.79 -4.18
CA ASP A 288 31.53 -14.43 -5.20
C ASP A 288 31.61 -15.60 -6.20
N PHE A 289 30.87 -15.53 -7.31
CA PHE A 289 30.75 -16.60 -8.32
C PHE A 289 32.12 -16.87 -8.94
N ALA A 290 32.90 -15.81 -9.12
CA ALA A 290 34.24 -15.82 -9.75
C ALA A 290 35.18 -16.67 -8.91
N ALA A 291 35.14 -16.49 -7.58
CA ALA A 291 36.05 -17.11 -6.59
C ALA A 291 35.48 -18.39 -6.00
N GLY A 292 34.22 -18.73 -6.29
CA GLY A 292 33.54 -19.87 -5.65
C GLY A 292 33.41 -19.67 -4.14
N LYS A 293 33.11 -18.46 -3.69
CA LYS A 293 32.82 -18.14 -2.28
C LYS A 293 31.31 -17.96 -2.10
N GLY A 294 30.69 -18.82 -1.28
CA GLY A 294 29.23 -18.83 -1.00
C GLY A 294 28.45 -19.69 -1.99
N HIS A 295 29.14 -20.31 -2.94
CA HIS A 295 28.55 -20.97 -4.13
C HIS A 295 29.69 -21.60 -4.93
N SER A 296 29.42 -22.62 -5.72
CA SER A 296 30.37 -23.19 -6.70
C SER A 296 30.77 -22.09 -7.68
N GLN A 297 32.03 -22.10 -8.10
CA GLN A 297 32.55 -21.13 -9.09
C GLN A 297 31.65 -21.17 -10.34
N GLN A 298 31.24 -19.99 -10.79
CA GLN A 298 30.58 -19.81 -12.12
C GLN A 298 31.23 -18.60 -12.78
N LEU A 299 31.74 -18.78 -14.01
CA LEU A 299 32.46 -17.73 -14.76
C LEU A 299 31.53 -17.04 -15.76
N ASP A 300 30.31 -17.56 -15.94
CA ASP A 300 29.29 -16.97 -16.85
C ASP A 300 27.89 -17.48 -16.44
N ASN A 301 26.85 -17.13 -17.18
CA ASN A 301 25.46 -17.50 -16.84
C ASN A 301 25.03 -18.74 -17.61
N SER A 302 25.97 -19.51 -18.18
CA SER A 302 25.64 -20.64 -19.09
C SER A 302 24.84 -21.73 -18.37
N ASN A 303 25.12 -22.01 -17.11
CA ASN A 303 24.54 -23.20 -16.44
C ASN A 303 23.55 -22.84 -15.32
N CYS A 304 23.27 -21.57 -15.08
CA CYS A 304 22.36 -21.18 -13.97
C CYS A 304 21.04 -21.94 -14.11
N ILE A 305 20.42 -21.89 -15.29
CA ILE A 305 19.05 -22.43 -15.52
C ILE A 305 19.05 -23.95 -15.39
N ALA A 306 20.16 -24.64 -15.69
CA ALA A 306 20.27 -26.11 -15.59
C ALA A 306 19.94 -26.57 -14.16
N CYS A 307 20.38 -25.84 -13.15
CA CYS A 307 20.14 -26.18 -11.72
C CYS A 307 19.00 -25.34 -11.14
N HIS A 308 18.94 -24.05 -11.48
CA HIS A 308 17.90 -23.11 -10.98
C HIS A 308 16.73 -23.14 -11.96
N ASN A 309 16.00 -24.27 -11.97
CA ASN A 309 14.81 -24.43 -12.83
C ASN A 309 13.78 -23.39 -12.39
N SER A 310 13.00 -22.87 -13.33
CA SER A 310 11.98 -21.80 -13.10
C SER A 310 11.02 -22.20 -11.97
N ASP A 311 10.52 -23.43 -11.97
CA ASP A 311 9.58 -23.98 -10.95
C ASP A 311 10.18 -23.74 -9.56
N TRP A 312 11.46 -24.07 -9.36
CA TRP A 312 12.13 -24.00 -8.04
C TRP A 312 12.33 -22.53 -7.64
N THR A 313 12.88 -21.73 -8.53
CA THR A 313 13.08 -20.29 -8.26
C THR A 313 11.74 -19.65 -7.89
N ALA A 314 10.68 -19.89 -8.67
CA ALA A 314 9.34 -19.28 -8.45
C ALA A 314 8.79 -19.73 -7.08
N GLU A 315 8.87 -21.01 -6.79
CA GLU A 315 8.26 -21.62 -5.58
C GLU A 315 9.01 -21.14 -4.33
N LEU A 316 10.34 -21.23 -4.31
CA LEU A 316 11.13 -21.01 -3.05
C LEU A 316 10.97 -19.56 -2.59
N HIS A 317 10.86 -18.61 -3.52
CA HIS A 317 10.79 -17.15 -3.20
C HIS A 317 9.37 -16.76 -2.76
N THR A 318 8.35 -17.58 -3.06
CA THR A 318 6.92 -17.28 -2.76
C THR A 318 6.35 -18.33 -1.78
N ALA A 319 7.10 -19.35 -1.39
CA ALA A 319 6.60 -20.49 -0.58
C ALA A 319 5.94 -20.00 0.71
N LYS A 320 6.63 -19.14 1.46
CA LYS A 320 6.16 -18.75 2.82
C LYS A 320 4.92 -17.83 2.72
N THR A 321 4.88 -16.84 1.82
CA THR A 321 3.67 -15.97 1.70
C THR A 321 2.47 -16.81 1.22
N THR A 322 2.69 -17.74 0.30
CA THR A 322 1.62 -18.64 -0.21
C THR A 322 1.09 -19.55 0.92
N ALA A 323 1.97 -20.10 1.76
CA ALA A 323 1.57 -21.04 2.85
C ALA A 323 0.78 -20.26 3.91
N THR A 324 1.24 -19.06 4.25
CA THR A 324 0.58 -18.18 5.24
C THR A 324 -0.80 -17.81 4.72
N LYS A 325 -0.90 -17.37 3.47
CA LYS A 325 -2.19 -17.01 2.87
C LYS A 325 -3.13 -18.23 2.89
N ASN A 326 -2.61 -19.44 2.65
CA ASN A 326 -3.41 -20.68 2.67
C ASN A 326 -3.93 -20.92 4.10
N LEU A 327 -3.07 -20.75 5.12
CA LEU A 327 -3.43 -20.92 6.54
C LEU A 327 -4.53 -19.89 6.89
N ILE A 328 -4.35 -18.63 6.49
CA ILE A 328 -5.34 -17.57 6.85
C ILE A 328 -6.72 -18.00 6.29
N ASN A 329 -6.77 -18.63 5.11
CA ASN A 329 -8.03 -18.88 4.36
C ASN A 329 -8.64 -20.26 4.69
N GLN A 330 -8.08 -21.01 5.64
CA GLN A 330 -8.61 -22.32 6.11
C GLN A 330 -9.86 -22.10 6.98
N TYR A 331 -9.81 -21.08 7.83
CA TYR A 331 -10.85 -20.84 8.85
C TYR A 331 -11.35 -19.40 8.75
N GLY A 332 -12.60 -19.23 9.17
CA GLY A 332 -13.24 -17.94 9.44
C GLY A 332 -13.87 -17.94 10.82
N ILE A 333 -14.34 -16.77 11.25
CA ILE A 333 -15.26 -16.65 12.40
C ILE A 333 -16.49 -15.86 11.97
N GLU A 334 -17.60 -16.16 12.64
CA GLU A 334 -18.89 -15.44 12.58
C GLU A 334 -19.25 -15.12 14.03
N THR A 335 -19.32 -13.82 14.34
CA THR A 335 -19.40 -13.26 15.70
C THR A 335 -20.75 -12.57 15.84
N THR A 336 -21.45 -12.81 16.97
CA THR A 336 -22.67 -12.06 17.34
C THR A 336 -22.47 -11.47 18.74
N SER A 337 -23.21 -10.42 19.05
CA SER A 337 -23.24 -9.76 20.37
C SER A 337 -24.69 -9.39 20.69
N THR A 338 -25.09 -9.59 21.95
CA THR A 338 -26.39 -9.16 22.51
C THR A 338 -26.14 -8.44 23.82
N ILE A 339 -26.93 -7.43 24.11
CA ILE A 339 -26.93 -6.74 25.43
C ILE A 339 -28.03 -7.38 26.27
N ASN A 340 -27.69 -7.84 27.47
CA ASN A 340 -28.68 -8.13 28.52
C ASN A 340 -29.25 -6.77 28.97
N THR A 341 -30.56 -6.54 28.81
CA THR A 341 -31.17 -5.18 28.95
C THR A 341 -31.16 -4.74 30.41
C1 LBY A 342 -38.68 -0.74 36.06
CT LBY A 342 -38.76 -1.83 35.01
C2 LBY A 342 -38.83 -1.24 33.61
C3 LBY A 342 -39.93 -2.75 35.28
O2 LBY A 342 -37.49 -2.60 35.12
CZ LBY A 342 -37.20 -3.64 34.32
O1 LBY A 342 -37.87 -4.05 33.40
NZ LBY A 342 -36.00 -4.14 34.64
CE LBY A 342 -35.38 -5.20 33.85
CD LBY A 342 -33.88 -5.28 34.06
CG LBY A 342 -33.24 -6.47 33.35
CB LBY A 342 -31.74 -6.53 33.52
CA LBY A 342 -30.96 -5.44 32.76
C LBY A 342 -29.54 -5.31 33.29
O LBY A 342 -29.26 -4.39 34.05
N LBY A 342 -31.00 -5.71 31.34
N THR A 343 -28.62 -6.23 32.96
CA THR A 343 -27.25 -6.10 33.46
C THR A 343 -26.43 -5.11 32.63
N LYS A 344 -26.86 -4.87 31.37
CA LYS A 344 -26.25 -3.92 30.39
C LYS A 344 -24.83 -4.38 30.03
N ALA A 345 -24.57 -5.70 30.13
CA ALA A 345 -23.32 -6.35 29.67
C ALA A 345 -23.58 -7.01 28.31
N ALA A 346 -22.57 -6.94 27.42
CA ALA A 346 -22.61 -7.59 26.10
C ALA A 346 -22.06 -9.00 26.26
N THR A 347 -22.77 -9.97 25.67
CA THR A 347 -22.30 -11.36 25.52
C THR A 347 -21.92 -11.55 24.06
N ILE A 348 -20.65 -11.86 23.81
CA ILE A 348 -20.11 -12.10 22.45
C ILE A 348 -20.00 -13.62 22.23
N SER A 349 -20.51 -14.09 21.10
CA SER A 349 -20.43 -15.51 20.67
C SER A 349 -19.62 -15.60 19.39
N VAL A 350 -18.64 -16.49 19.37
CA VAL A 350 -17.76 -16.67 18.17
C VAL A 350 -17.98 -18.07 17.62
N GLN A 351 -18.39 -18.16 16.35
CA GLN A 351 -18.52 -19.43 15.60
C GLN A 351 -17.32 -19.53 14.65
N VAL A 352 -16.41 -20.48 14.86
CA VAL A 352 -15.38 -20.87 13.87
C VAL A 352 -16.10 -21.56 12.71
N VAL A 353 -15.71 -21.25 11.48
CA VAL A 353 -16.18 -21.94 10.25
C VAL A 353 -14.96 -22.35 9.41
N ASP A 354 -15.12 -23.35 8.56
CA ASP A 354 -14.08 -23.80 7.58
C ASP A 354 -14.18 -22.92 6.31
N ALA A 355 -13.38 -23.22 5.28
CA ALA A 355 -13.30 -22.43 4.02
C ALA A 355 -14.66 -22.34 3.34
N ASN A 356 -15.58 -23.27 3.60
CA ASN A 356 -16.92 -23.30 2.95
C ASN A 356 -18.03 -22.72 3.83
N GLY A 357 -17.71 -22.04 4.93
CA GLY A 357 -18.73 -21.41 5.80
C GLY A 357 -19.49 -22.44 6.62
N THR A 358 -18.91 -23.64 6.79
CA THR A 358 -19.47 -24.75 7.59
C THR A 358 -18.95 -24.70 9.02
N ALA A 359 -19.85 -24.81 10.00
CA ALA A 359 -19.54 -24.70 11.45
C ALA A 359 -18.39 -25.64 11.82
N VAL A 360 -17.42 -25.13 12.55
CA VAL A 360 -16.37 -25.93 13.23
C VAL A 360 -16.58 -25.71 14.72
N ASP A 361 -16.79 -26.78 15.47
CA ASP A 361 -16.79 -26.73 16.95
C ASP A 361 -15.39 -26.29 17.42
N LEU A 362 -15.31 -25.20 18.20
CA LEU A 362 -14.02 -24.60 18.62
C LEU A 362 -13.22 -25.62 19.46
N LYS A 363 -13.89 -26.60 20.09
CA LYS A 363 -13.26 -27.65 20.92
C LYS A 363 -12.29 -28.49 20.07
N THR A 364 -12.64 -28.73 18.81
CA THR A 364 -11.86 -29.59 17.89
C THR A 364 -10.53 -28.90 17.54
N ILE A 365 -10.45 -27.55 17.53
CA ILE A 365 -9.20 -26.80 17.16
C ILE A 365 -8.63 -26.00 18.33
N LEU A 366 -9.24 -26.03 19.52
CA LEU A 366 -8.80 -25.21 20.68
C LEU A 366 -7.30 -25.38 20.91
N PRO A 367 -6.72 -26.61 20.89
CA PRO A 367 -5.29 -26.76 21.24
C PRO A 367 -4.34 -26.08 20.24
N LYS A 368 -4.84 -25.62 19.10
CA LYS A 368 -4.05 -24.92 18.05
C LYS A 368 -4.36 -23.41 18.03
N VAL A 369 -5.25 -22.93 18.90
CA VAL A 369 -5.63 -21.48 18.94
C VAL A 369 -4.62 -20.79 19.83
N GLN A 370 -3.77 -19.95 19.25
CA GLN A 370 -2.63 -19.32 19.96
C GLN A 370 -3.18 -18.17 20.82
N ARG A 371 -4.07 -17.37 20.26
CA ARG A 371 -4.76 -16.29 21.00
C ARG A 371 -6.12 -16.04 20.35
N LEU A 372 -7.07 -15.65 21.19
CA LEU A 372 -8.33 -15.02 20.76
C LEU A 372 -8.61 -13.87 21.72
N GLU A 373 -8.76 -12.66 21.19
CA GLU A 373 -8.97 -11.43 21.98
C GLU A 373 -10.27 -10.78 21.52
N ILE A 374 -11.04 -10.29 22.51
CA ILE A 374 -12.32 -9.57 22.32
C ILE A 374 -12.18 -8.20 23.01
N ILE A 375 -12.19 -7.14 22.22
CA ILE A 375 -12.14 -5.72 22.69
C ILE A 375 -13.51 -5.10 22.37
N THR A 376 -14.18 -4.57 23.39
CA THR A 376 -15.53 -3.99 23.26
C THR A 376 -15.45 -2.53 23.69
N ASN A 377 -15.93 -1.63 22.84
CA ASN A 377 -16.11 -0.20 23.20
C ASN A 377 -17.54 0.18 22.84
N VAL A 378 -17.92 1.43 23.02
CA VAL A 378 -19.32 1.89 22.87
C VAL A 378 -19.32 3.22 22.11
N GLY A 379 -20.25 3.42 21.19
CA GLY A 379 -20.33 4.69 20.43
C GLY A 379 -19.44 4.62 19.20
N PRO A 380 -19.82 3.84 18.17
CA PRO A 380 -18.94 3.56 17.04
C PRO A 380 -18.49 4.80 16.28
N ASN A 381 -19.24 5.91 16.35
CA ASN A 381 -18.95 7.18 15.66
C ASN A 381 -18.15 8.12 16.56
N ASN A 382 -18.00 7.78 17.84
CA ASN A 382 -17.35 8.63 18.87
C ASN A 382 -17.24 7.77 20.14
N ALA A 383 -16.28 6.85 20.15
CA ALA A 383 -16.15 5.81 21.21
C ALA A 383 -16.09 6.53 22.56
N THR A 384 -16.74 5.96 23.58
CA THR A 384 -17.03 6.68 24.85
C THR A 384 -16.21 6.14 26.02
N LEU A 385 -15.63 4.93 25.95
CA LEU A 385 -14.97 4.30 27.13
C LEU A 385 -13.48 4.63 27.18
N GLY A 386 -12.93 5.19 26.12
CA GLY A 386 -11.48 5.42 26.05
C GLY A 386 -10.74 4.10 25.97
N TYR A 387 -9.43 4.15 26.17
CA TYR A 387 -8.52 2.98 26.09
C TYR A 387 -8.59 2.23 27.42
N SER A 388 -8.46 2.96 28.52
CA SER A 388 -8.46 2.38 29.90
C SER A 388 -9.82 1.75 30.22
N GLY A 389 -10.91 2.28 29.68
CA GLY A 389 -12.29 1.89 30.06
C GLY A 389 -12.87 0.81 29.15
N LYS A 390 -12.28 0.61 27.98
CA LYS A 390 -12.67 -0.46 27.02
C LYS A 390 -12.66 -1.79 27.77
N ASP A 391 -13.55 -2.69 27.36
CA ASP A 391 -13.53 -4.09 27.84
C ASP A 391 -12.63 -4.89 26.91
N SER A 392 -11.71 -5.67 27.47
CA SER A 392 -10.78 -6.50 26.66
C SER A 392 -10.37 -7.76 27.42
N ILE A 393 -10.19 -8.84 26.67
CA ILE A 393 -9.79 -10.14 27.24
C ILE A 393 -9.07 -10.94 26.17
N PHE A 394 -8.05 -11.68 26.61
CA PHE A 394 -7.52 -12.89 25.92
C PHE A 394 -8.36 -14.08 26.40
N ALA A 395 -9.49 -14.31 25.73
CA ALA A 395 -10.43 -15.43 25.96
C ALA A 395 -9.74 -16.78 25.76
N ILE A 396 -8.76 -16.82 24.84
CA ILE A 396 -7.85 -17.98 24.62
C ILE A 396 -6.39 -17.51 24.53
N LYS A 397 -5.49 -18.26 25.17
CA LYS A 397 -4.02 -18.08 25.09
C LYS A 397 -3.37 -19.47 25.03
N ASN A 398 -2.68 -19.75 23.93
CA ASN A 398 -1.88 -20.99 23.71
C ASN A 398 -2.70 -22.22 24.13
N GLY A 399 -3.91 -22.35 23.57
CA GLY A 399 -4.78 -23.53 23.72
C GLY A 399 -5.60 -23.57 25.01
N ALA A 400 -5.47 -22.57 25.90
CA ALA A 400 -6.17 -22.49 27.20
C ALA A 400 -7.24 -21.40 27.17
N LEU A 401 -8.50 -21.75 27.48
CA LEU A 401 -9.63 -20.81 27.73
C LEU A 401 -9.35 -20.01 29.01
N ASP A 402 -9.55 -18.70 28.97
CA ASP A 402 -9.57 -17.88 30.20
C ASP A 402 -10.79 -18.33 31.00
N PRO A 403 -10.76 -18.33 32.35
CA PRO A 403 -11.93 -18.75 33.13
C PRO A 403 -13.21 -17.92 32.84
N LYS A 404 -13.09 -16.72 32.25
CA LYS A 404 -14.25 -15.84 31.94
C LYS A 404 -14.88 -16.23 30.60
N ALA A 405 -14.30 -17.18 29.87
CA ALA A 405 -14.79 -17.60 28.54
C ALA A 405 -15.07 -19.11 28.56
N THR A 406 -16.14 -19.53 27.90
CA THR A 406 -16.53 -20.95 27.76
C THR A 406 -16.81 -21.27 26.30
N ILE A 407 -16.71 -22.55 25.96
CA ILE A 407 -17.30 -23.11 24.70
C ILE A 407 -18.60 -23.81 25.09
N ASN A 408 -19.70 -23.38 24.47
CA ASN A 408 -21.07 -23.88 24.75
C ASN A 408 -21.24 -25.21 24.01
N ASP A 409 -22.39 -25.87 24.20
CA ASP A 409 -22.63 -27.21 23.60
C ASP A 409 -22.76 -27.08 22.08
N ALA A 410 -22.99 -25.87 21.55
CA ALA A 410 -23.08 -25.60 20.10
C ALA A 410 -21.68 -25.33 19.52
N GLY A 411 -20.63 -25.39 20.35
CA GLY A 411 -19.22 -25.25 19.91
C GLY A 411 -18.81 -23.80 19.67
N LYS A 412 -19.56 -22.82 20.18
CA LYS A 412 -19.22 -21.37 20.04
C LYS A 412 -18.48 -20.92 21.29
N LEU A 413 -17.54 -19.99 21.16
CA LEU A 413 -16.98 -19.28 22.31
C LEU A 413 -18.00 -18.23 22.78
N VAL A 414 -18.16 -18.11 24.08
CA VAL A 414 -19.13 -17.18 24.73
C VAL A 414 -18.34 -16.42 25.79
N TYR A 415 -18.43 -15.10 25.76
CA TYR A 415 -17.75 -14.20 26.71
C TYR A 415 -18.67 -13.02 26.98
N THR A 416 -18.80 -12.64 28.26
CA THR A 416 -19.65 -11.50 28.71
C THR A 416 -18.71 -10.43 29.27
N THR A 417 -18.88 -9.19 28.82
CA THR A 417 -18.09 -8.02 29.25
C THR A 417 -18.16 -7.90 30.78
N THR A 418 -17.13 -7.31 31.38
CA THR A 418 -17.04 -7.10 32.85
C THR A 418 -16.97 -5.60 33.15
N LYS A 419 -16.38 -4.81 32.26
CA LYS A 419 -16.27 -3.33 32.40
C LYS A 419 -17.65 -2.71 32.22
N ASP A 420 -17.91 -1.62 32.94
CA ASP A 420 -19.11 -0.79 32.73
C ASP A 420 -19.07 -0.28 31.30
N LEU A 421 -20.06 -0.63 30.49
CA LEU A 421 -20.14 -0.19 29.07
C LEU A 421 -20.82 1.18 28.98
N LYS A 422 -21.45 1.65 30.06
CA LYS A 422 -22.06 2.99 30.11
C LYS A 422 -22.98 3.19 28.90
N LEU A 423 -23.70 2.13 28.51
CA LEU A 423 -24.62 2.14 27.36
C LEU A 423 -25.73 3.16 27.63
N GLY A 424 -25.99 4.01 26.64
CA GLY A 424 -27.02 5.05 26.65
C GLY A 424 -26.64 6.26 27.47
N GLN A 425 -25.44 6.32 28.06
CA GLN A 425 -25.03 7.44 28.95
C GLN A 425 -24.46 8.60 28.15
N ASN A 426 -24.33 8.49 26.82
CA ASN A 426 -23.75 9.54 25.95
C ASN A 426 -24.48 9.56 24.60
N GLY A 427 -25.80 9.75 24.60
CA GLY A 427 -26.58 10.00 23.36
C GLY A 427 -26.96 8.73 22.61
N ALA A 428 -27.67 8.88 21.49
CA ALA A 428 -28.19 7.76 20.67
C ALA A 428 -27.02 6.85 20.27
N ASP A 429 -25.86 7.42 19.96
CA ASP A 429 -24.71 6.62 19.44
C ASP A 429 -24.25 5.61 20.51
N SER A 430 -24.43 5.95 21.78
CA SER A 430 -23.92 5.19 22.96
C SER A 430 -24.88 4.04 23.29
N ASP A 431 -25.97 3.87 22.52
CA ASP A 431 -26.85 2.68 22.61
C ASP A 431 -26.11 1.43 22.05
N THR A 432 -25.07 1.62 21.23
CA THR A 432 -24.40 0.53 20.45
C THR A 432 -23.04 0.18 21.07
N ALA A 433 -22.84 -1.09 21.42
CA ALA A 433 -21.52 -1.65 21.76
C ALA A 433 -20.97 -2.30 20.50
N PHE A 434 -19.69 -2.14 20.22
CA PHE A 434 -19.03 -2.81 19.07
C PHE A 434 -17.82 -3.58 19.59
N SER A 435 -17.72 -4.85 19.17
CA SER A 435 -16.74 -5.85 19.66
C SER A 435 -15.85 -6.29 18.50
N PHE A 436 -14.55 -6.11 18.66
CA PHE A 436 -13.50 -6.51 17.71
C PHE A 436 -12.91 -7.82 18.23
N VAL A 437 -13.02 -8.87 17.41
CA VAL A 437 -12.41 -10.21 17.67
C VAL A 437 -11.19 -10.38 16.75
N GLY A 438 -10.01 -10.53 17.35
CA GLY A 438 -8.76 -10.91 16.69
C GLY A 438 -8.34 -12.29 17.18
N TRP A 439 -7.71 -13.09 16.32
CA TRP A 439 -7.29 -14.44 16.76
C TRP A 439 -6.14 -14.95 15.90
N SER A 440 -5.44 -15.92 16.44
CA SER A 440 -4.24 -16.53 15.83
C SER A 440 -4.29 -18.03 16.09
N MET A 441 -3.65 -18.79 15.21
CA MET A 441 -3.45 -20.24 15.39
C MET A 441 -1.97 -20.58 15.29
N CYS A 442 -1.51 -21.47 16.15
CA CYS A 442 -0.11 -21.97 16.11
C CYS A 442 0.12 -22.65 14.76
N SER A 443 1.28 -22.40 14.16
CA SER A 443 1.66 -22.86 12.80
C SER A 443 3.18 -23.01 12.69
N SER A 444 3.60 -24.03 11.95
CA SER A 444 5.02 -24.31 11.58
C SER A 444 5.04 -24.77 10.13
N GLU A 445 5.88 -24.15 9.30
CA GLU A 445 6.14 -24.56 7.91
C GLU A 445 4.82 -24.81 7.18
N GLY A 446 3.87 -23.88 7.23
CA GLY A 446 2.64 -23.97 6.42
C GLY A 446 1.57 -24.89 7.01
N LYS A 447 1.77 -25.45 8.20
CA LYS A 447 0.78 -26.32 8.88
C LYS A 447 0.34 -25.72 10.22
N PHE A 448 -0.95 -25.89 10.56
CA PHE A 448 -1.46 -25.60 11.93
C PHE A 448 -0.88 -26.63 12.90
N VAL A 449 -0.33 -26.20 14.03
CA VAL A 449 0.26 -27.12 15.04
C VAL A 449 -0.35 -26.79 16.40
N ASP A 450 -0.39 -27.79 17.28
CA ASP A 450 -0.71 -27.59 18.71
C ASP A 450 0.23 -26.51 19.26
N CYS A 451 -0.32 -25.59 20.05
CA CYS A 451 0.45 -24.66 20.91
C CYS A 451 0.99 -25.46 22.10
N ALA A 452 2.25 -25.88 22.05
CA ALA A 452 2.84 -26.83 23.02
C ALA A 452 3.35 -26.07 24.24
N ASP A 453 3.44 -24.74 24.15
CA ASP A 453 4.04 -23.87 25.21
C ASP A 453 2.98 -22.90 25.73
N PRO A 454 2.40 -23.17 26.92
CA PRO A 454 1.41 -22.25 27.52
C PRO A 454 1.92 -20.81 27.68
N ALA A 455 3.23 -20.63 27.91
CA ALA A 455 3.84 -19.30 28.19
C ALA A 455 4.34 -18.63 26.91
N PHE A 456 4.10 -19.21 25.72
CA PHE A 456 4.60 -18.65 24.44
C PHE A 456 4.13 -17.20 24.34
N ASP A 457 5.06 -16.24 24.20
CA ASP A 457 4.82 -14.78 24.38
C ASP A 457 4.41 -14.09 23.05
N GLY A 458 4.45 -14.81 21.92
CA GLY A 458 3.99 -14.30 20.61
C GLY A 458 5.00 -13.37 19.95
N VAL A 459 6.24 -13.32 20.44
CA VAL A 459 7.33 -12.50 19.82
C VAL A 459 7.78 -13.18 18.52
N ASP A 460 8.02 -14.50 18.52
CA ASP A 460 8.46 -15.23 17.30
C ASP A 460 7.27 -15.46 16.37
N VAL A 461 7.10 -14.60 15.38
CA VAL A 461 5.93 -14.60 14.45
C VAL A 461 6.04 -15.73 13.42
N THR A 462 7.14 -16.49 13.39
CA THR A 462 7.30 -17.69 12.53
C THR A 462 6.52 -18.88 13.11
N LYS A 463 6.02 -18.77 14.35
CA LYS A 463 5.41 -19.89 15.12
C LYS A 463 3.88 -19.83 15.14
N TYR A 464 3.25 -18.83 14.53
CA TYR A 464 1.78 -18.66 14.55
C TYR A 464 1.35 -17.76 13.39
N THR A 465 0.08 -17.87 13.00
CA THR A 465 -0.59 -17.06 11.95
C THR A 465 -1.73 -16.26 12.59
N GLY A 466 -1.73 -14.94 12.40
CA GLY A 466 -2.91 -14.10 12.62
C GLY A 466 -3.99 -14.48 11.63
N MET A 467 -5.23 -14.61 12.08
CA MET A 467 -6.36 -15.15 11.28
C MET A 467 -7.35 -14.00 11.02
N LYS A 468 -8.50 -14.29 10.39
CA LYS A 468 -9.43 -13.22 9.97
C LYS A 468 -10.21 -12.68 11.18
N ALA A 469 -10.09 -11.38 11.42
CA ALA A 469 -10.74 -10.68 12.55
C ALA A 469 -12.23 -10.48 12.26
N ASP A 470 -13.03 -10.21 13.29
CA ASP A 470 -14.48 -9.96 13.10
C ASP A 470 -14.94 -8.80 13.97
N LEU A 471 -16.11 -8.28 13.63
CA LEU A 471 -16.77 -7.15 14.32
C LEU A 471 -18.25 -7.46 14.54
N ALA A 472 -18.74 -7.29 15.76
CA ALA A 472 -20.15 -7.57 16.14
C ALA A 472 -20.73 -6.37 16.91
N PHE A 473 -21.93 -5.95 16.49
CA PHE A 473 -22.73 -4.86 17.07
C PHE A 473 -23.83 -5.43 17.97
N ALA A 474 -24.17 -4.69 19.02
CA ALA A 474 -25.33 -4.96 19.91
C ALA A 474 -25.85 -3.62 20.43
N THR A 475 -27.16 -3.52 20.64
CA THR A 475 -27.78 -2.30 21.24
C THR A 475 -28.53 -2.65 22.53
N LEU A 476 -28.54 -1.69 23.46
CA LEU A 476 -29.24 -1.81 24.76
C LEU A 476 -30.76 -1.80 24.49
N SER A 477 -31.18 -0.93 23.58
CA SER A 477 -32.59 -0.65 23.23
C SER A 477 -33.20 -1.80 22.43
N GLY A 478 -32.35 -2.62 21.79
CA GLY A 478 -32.80 -3.68 20.87
C GLY A 478 -33.13 -3.09 19.50
N LYS A 479 -32.92 -1.79 19.32
CA LYS A 479 -33.03 -1.12 18.00
C LYS A 479 -31.80 -1.49 17.17
N ALA A 480 -31.88 -1.31 15.85
CA ALA A 480 -30.75 -1.42 14.90
C ALA A 480 -29.55 -0.66 15.46
N PRO A 481 -28.33 -1.23 15.42
CA PRO A 481 -27.14 -0.54 15.90
C PRO A 481 -26.72 0.60 14.96
N SER A 482 -26.14 1.65 15.52
CA SER A 482 -25.31 2.61 14.76
C SER A 482 -24.03 1.89 14.32
N THR A 483 -23.48 2.32 13.19
CA THR A 483 -22.16 1.88 12.68
C THR A 483 -21.43 3.14 12.23
N ARG A 484 -20.11 3.11 12.25
CA ARG A 484 -19.29 4.27 11.84
C ARG A 484 -19.31 4.33 10.31
N HIS A 485 -19.09 5.49 9.74
CA HIS A 485 -18.86 5.65 8.28
C HIS A 485 -17.64 4.80 7.93
N VAL A 486 -17.60 4.21 6.73
CA VAL A 486 -16.46 3.42 6.16
C VAL A 486 -16.28 3.81 4.69
N ASP A 487 -16.87 4.94 4.30
CA ASP A 487 -17.00 5.32 2.88
C ASP A 487 -15.79 6.17 2.44
N SER A 488 -14.86 6.52 3.35
CA SER A 488 -13.77 7.49 3.02
C SER A 488 -12.40 6.77 2.96
N VAL A 489 -12.19 5.76 3.80
CA VAL A 489 -10.94 4.95 3.81
C VAL A 489 -11.30 3.48 3.96
N ASN A 490 -10.62 2.58 3.25
CA ASN A 490 -10.81 1.13 3.51
C ASN A 490 -9.51 0.37 3.33
N MET A 491 -9.57 -0.92 3.68
CA MET A 491 -8.43 -1.84 3.77
C MET A 491 -7.83 -2.10 2.38
N THR A 492 -8.57 -1.87 1.28
CA THR A 492 -8.05 -2.04 -0.10
C THR A 492 -6.87 -1.08 -0.29
N ALA A 493 -7.02 0.15 0.20
CA ALA A 493 -5.95 1.17 0.17
C ALA A 493 -4.75 0.65 0.97
N CYS A 494 -4.96 0.19 2.20
CA CYS A 494 -3.87 -0.35 3.07
C CYS A 494 -3.16 -1.51 2.37
N ALA A 495 -3.91 -2.41 1.72
CA ALA A 495 -3.42 -3.67 1.12
C ALA A 495 -2.54 -3.38 -0.11
N ASN A 496 -2.73 -2.24 -0.75
CA ASN A 496 -1.82 -1.79 -1.83
C ASN A 496 -0.35 -1.83 -1.37
N CYS A 497 -0.05 -1.41 -0.14
CA CYS A 497 1.35 -1.35 0.37
C CYS A 497 1.63 -2.54 1.30
N HIS A 498 0.65 -3.00 2.06
CA HIS A 498 0.85 -3.97 3.17
C HIS A 498 0.39 -5.39 2.81
N THR A 499 -0.20 -5.57 1.62
CA THR A 499 -0.88 -6.81 1.12
C THR A 499 -2.19 -7.04 1.87
N ALA A 500 -3.10 -7.82 1.28
CA ALA A 500 -4.40 -8.24 1.85
C ALA A 500 -4.20 -9.16 3.06
N GLU A 501 -3.01 -9.75 3.20
CA GLU A 501 -2.69 -10.72 4.29
C GLU A 501 -2.03 -10.00 5.48
N PHE A 502 -2.08 -8.66 5.53
CA PHE A 502 -1.49 -7.83 6.61
C PHE A 502 -2.04 -8.28 7.98
N GLU A 503 -1.17 -8.81 8.83
CA GLU A 503 -1.52 -9.29 10.18
C GLU A 503 -1.23 -8.15 11.16
N ILE A 504 -2.12 -7.14 11.19
CA ILE A 504 -1.88 -5.89 11.94
C ILE A 504 -1.70 -6.17 13.45
N HIS A 505 -0.62 -5.65 14.02
CA HIS A 505 -0.27 -5.67 15.47
C HIS A 505 0.20 -7.05 15.89
N LYS A 506 0.47 -7.96 14.96
CA LYS A 506 0.97 -9.31 15.30
C LYS A 506 2.26 -9.15 16.11
N GLY A 507 2.35 -9.84 17.24
CA GLY A 507 3.56 -9.90 18.08
C GLY A 507 3.20 -10.21 19.52
N LYS A 508 3.98 -9.67 20.44
CA LYS A 508 3.80 -9.90 21.89
C LYS A 508 2.45 -9.36 22.38
N GLN A 509 1.95 -8.27 21.84
CA GLN A 509 0.74 -7.61 22.38
C GLN A 509 -0.54 -8.23 21.82
N HIS A 510 -0.53 -8.73 20.58
CA HIS A 510 -1.77 -9.07 19.85
C HIS A 510 -1.58 -10.25 18.90
N ALA A 511 -2.69 -10.93 18.66
CA ALA A 511 -2.80 -12.11 17.78
C ALA A 511 -2.39 -11.72 16.36
N GLY A 512 -2.72 -10.49 15.98
CA GLY A 512 -2.59 -10.05 14.58
C GLY A 512 -3.95 -10.06 13.91
N PHE A 513 -4.42 -8.88 13.52
CA PHE A 513 -5.75 -8.67 12.91
C PHE A 513 -5.63 -8.73 11.39
N VAL A 514 -6.20 -9.77 10.77
CA VAL A 514 -6.37 -9.79 9.28
C VAL A 514 -7.77 -9.26 8.95
N MET A 515 -7.83 -8.21 8.16
CA MET A 515 -9.05 -7.41 7.90
C MET A 515 -9.67 -7.87 6.57
N THR A 516 -10.88 -8.40 6.62
CA THR A 516 -11.58 -9.03 5.47
C THR A 516 -13.07 -8.67 5.47
N GLU A 517 -13.79 -9.12 4.44
CA GLU A 517 -15.27 -8.99 4.31
C GLU A 517 -16.00 -9.57 5.54
N GLN A 518 -15.35 -10.38 6.39
CA GLN A 518 -15.96 -10.89 7.65
C GLN A 518 -16.58 -9.73 8.44
N LEU A 519 -15.95 -8.55 8.44
CA LEU A 519 -16.44 -7.41 9.27
C LEU A 519 -16.95 -6.27 8.37
N SER A 520 -17.34 -6.58 7.14
CA SER A 520 -17.97 -5.61 6.22
C SER A 520 -19.46 -5.51 6.58
N HIS A 521 -19.99 -4.29 6.70
CA HIS A 521 -21.45 -4.12 6.98
C HIS A 521 -22.09 -3.20 5.94
N THR A 522 -21.37 -2.81 4.89
CA THR A 522 -21.94 -1.97 3.80
C THR A 522 -21.14 -2.22 2.51
N GLN A 523 -21.70 -1.79 1.38
CA GLN A 523 -21.12 -1.92 0.02
C GLN A 523 -20.91 -0.52 -0.58
N ASP A 524 -20.00 -0.41 -1.53
CA ASP A 524 -19.81 0.84 -2.31
C ASP A 524 -20.90 0.91 -3.39
N ALA A 525 -20.88 1.97 -4.21
CA ALA A 525 -21.86 2.23 -5.29
C ALA A 525 -21.97 1.01 -6.22
N ASN A 526 -20.90 0.23 -6.40
CA ASN A 526 -20.86 -0.93 -7.31
C ASN A 526 -21.21 -2.26 -6.61
N GLY A 527 -21.59 -2.24 -5.33
CA GLY A 527 -21.99 -3.46 -4.60
C GLY A 527 -20.82 -4.29 -4.11
N LYS A 528 -19.59 -3.75 -4.10
CA LYS A 528 -18.39 -4.39 -3.50
C LYS A 528 -18.38 -4.13 -1.98
N ALA A 529 -18.23 -5.19 -1.18
CA ALA A 529 -18.19 -5.14 0.30
C ALA A 529 -17.03 -4.23 0.74
N ILE A 530 -17.30 -3.22 1.56
CA ILE A 530 -16.27 -2.31 2.11
C ILE A 530 -15.72 -2.98 3.38
N VAL A 531 -14.40 -3.17 3.41
CA VAL A 531 -13.69 -3.64 4.63
C VAL A 531 -13.16 -2.39 5.34
N GLY A 532 -13.89 -1.87 6.33
CA GLY A 532 -13.52 -0.61 6.98
C GLY A 532 -12.54 -0.82 8.11
N LEU A 533 -12.00 0.27 8.65
N LEU A 533 -12.03 0.28 8.66
CA LEU A 533 -11.12 0.26 9.85
CA LEU A 533 -11.12 0.30 9.84
C LEU A 533 -11.92 0.74 11.07
C LEU A 533 -11.92 0.62 11.11
N ASP A 534 -13.26 0.61 11.02
CA ASP A 534 -14.15 1.04 12.14
C ASP A 534 -13.85 0.18 13.38
N ALA A 535 -13.51 -1.11 13.20
CA ALA A 535 -13.23 -2.00 14.34
C ALA A 535 -12.05 -1.46 15.15
N CYS A 536 -11.10 -0.79 14.48
CA CYS A 536 -9.84 -0.26 15.08
C CYS A 536 -10.16 0.77 16.17
N VAL A 537 -11.30 1.43 16.08
CA VAL A 537 -11.71 2.48 17.07
C VAL A 537 -11.93 1.87 18.46
N THR A 538 -12.07 0.55 18.61
CA THR A 538 -12.22 -0.08 19.96
C THR A 538 -11.06 0.37 20.87
N CYS A 539 -9.84 0.50 20.31
CA CYS A 539 -8.60 0.91 21.00
C CYS A 539 -8.16 2.32 20.59
N HIS A 540 -8.35 2.69 19.32
CA HIS A 540 -7.92 4.01 18.79
C HIS A 540 -9.05 5.01 19.03
N THR A 541 -9.27 5.30 20.33
CA THR A 541 -10.45 6.03 20.86
C THR A 541 -10.18 7.53 20.82
N PRO A 542 -11.23 8.37 20.91
CA PRO A 542 -11.08 9.81 21.07
C PRO A 542 -10.24 10.25 22.28
N ASP A 543 -10.10 9.36 23.28
CA ASP A 543 -9.25 9.55 24.48
C ASP A 543 -7.83 9.04 24.23
N GLY A 544 -7.54 8.57 23.01
CA GLY A 544 -6.22 8.02 22.65
C GLY A 544 -6.08 6.54 22.99
N THR A 545 -4.83 6.07 23.06
CA THR A 545 -4.44 4.65 23.35
C THR A 545 -3.84 4.59 24.76
N TYR A 546 -2.78 3.81 25.02
CA TYR A 546 -2.26 3.59 26.41
C TYR A 546 -1.75 4.92 27.01
N SER A 547 -1.40 5.91 26.18
CA SER A 547 -0.85 7.21 26.64
C SER A 547 -1.61 8.36 25.95
N PHE A 548 -1.81 9.46 26.67
CA PHE A 548 -2.41 10.70 26.12
C PHE A 548 -1.45 11.41 25.14
N ALA A 549 -0.24 10.89 24.93
CA ALA A 549 0.80 11.60 24.16
C ALA A 549 0.92 11.07 22.73
N ASN A 550 0.19 10.03 22.34
CA ASN A 550 0.51 9.29 21.09
C ASN A 550 -0.38 9.67 19.90
N ARG A 551 -1.33 10.59 20.05
CA ARG A 551 -2.42 10.84 19.05
C ARG A 551 -3.03 9.49 18.63
N GLY A 552 -3.45 8.68 19.60
CA GLY A 552 -3.97 7.31 19.40
C GLY A 552 -5.33 7.24 18.71
N ALA A 553 -6.11 8.32 18.74
CA ALA A 553 -7.42 8.40 18.04
C ALA A 553 -7.21 8.07 16.56
N LEU A 554 -8.07 7.21 16.01
CA LEU A 554 -7.90 6.66 14.64
C LEU A 554 -7.85 7.80 13.62
N GLU A 555 -8.57 8.89 13.88
CA GLU A 555 -8.61 10.14 13.07
C GLU A 555 -7.22 10.77 12.97
N LEU A 556 -6.28 10.40 13.85
CA LEU A 556 -4.95 11.05 13.96
C LEU A 556 -3.84 10.02 13.71
N LYS A 557 -4.05 8.78 14.16
CA LYS A 557 -2.96 7.76 14.29
C LYS A 557 -2.41 7.39 12.90
N LEU A 558 -3.28 7.12 11.91
CA LEU A 558 -2.79 6.65 10.60
C LEU A 558 -2.01 7.79 9.95
N HIS A 559 -2.52 9.01 10.08
CA HIS A 559 -1.84 10.23 9.60
C HIS A 559 -0.47 10.37 10.26
N LYS A 560 -0.42 10.27 11.58
CA LYS A 560 0.84 10.44 12.34
C LYS A 560 1.88 9.42 11.85
N LYS A 561 1.50 8.16 11.77
CA LYS A 561 2.44 7.07 11.45
C LYS A 561 3.01 7.25 10.03
N HIS A 562 2.14 7.55 9.09
CA HIS A 562 2.46 7.60 7.65
C HIS A 562 3.09 8.94 7.27
N VAL A 563 2.74 10.04 7.91
CA VAL A 563 3.45 11.33 7.63
C VAL A 563 4.89 11.26 8.17
N GLU A 564 5.12 10.51 9.24
CA GLU A 564 6.46 10.35 9.85
C GLU A 564 7.29 9.30 9.11
N ASP A 565 6.70 8.20 8.62
CA ASP A 565 7.47 7.00 8.19
C ASP A 565 7.25 6.63 6.72
N ALA A 566 6.26 7.23 6.05
CA ALA A 566 5.85 6.85 4.67
C ALA A 566 5.78 8.08 3.77
N TYR A 567 6.42 9.18 4.17
CA TYR A 567 6.31 10.45 3.44
C TYR A 567 7.05 10.35 2.08
N GLY A 568 8.10 9.54 1.99
CA GLY A 568 8.75 9.27 0.69
C GLY A 568 7.81 8.58 -0.30
N LEU A 569 6.86 7.78 0.20
CA LEU A 569 5.90 7.08 -0.70
C LEU A 569 4.69 7.95 -0.98
N ILE A 570 4.23 8.70 0.03
CA ILE A 570 2.85 9.28 0.04
C ILE A 570 2.95 10.79 -0.15
N GLY A 571 3.79 11.48 0.62
CA GLY A 571 3.84 12.94 0.56
C GLY A 571 2.50 13.51 0.99
N GLY A 572 1.93 14.43 0.22
CA GLY A 572 0.60 14.99 0.52
C GLY A 572 -0.51 14.24 -0.22
N ASN A 573 -0.26 13.03 -0.70
CA ASN A 573 -1.20 12.28 -1.56
C ASN A 573 -2.26 11.56 -0.70
N CYS A 574 -3.32 12.30 -0.32
CA CYS A 574 -4.44 11.79 0.49
C CYS A 574 -5.07 10.58 -0.22
N ALA A 575 -5.06 10.55 -1.56
CA ALA A 575 -5.65 9.48 -2.40
C ALA A 575 -4.98 8.12 -2.13
N SER A 576 -3.82 8.10 -1.47
CA SER A 576 -3.11 6.84 -1.11
C SER A 576 -3.98 6.01 -0.14
N CYS A 577 -4.79 6.66 0.69
CA CYS A 577 -5.72 5.95 1.62
C CYS A 577 -7.20 6.30 1.36
N HIS A 578 -7.49 7.51 0.90
CA HIS A 578 -8.86 8.09 0.83
C HIS A 578 -9.48 7.96 -0.56
N SER A 579 -10.73 7.51 -0.63
CA SER A 579 -11.61 7.68 -1.82
C SER A 579 -12.27 9.06 -1.73
N ASP A 580 -12.52 9.55 -0.54
CA ASP A 580 -13.05 10.92 -0.37
C ASP A 580 -12.84 11.28 1.09
N PHE A 581 -13.35 12.44 1.50
CA PHE A 581 -13.37 12.84 2.92
C PHE A 581 -14.83 12.87 3.35
N ASN A 582 -15.12 12.25 4.48
CA ASN A 582 -16.46 12.31 5.09
C ASN A 582 -16.43 13.46 6.09
N LEU A 583 -16.59 14.68 5.59
CA LEU A 583 -16.67 15.91 6.43
C LEU A 583 -17.91 15.85 7.33
N GLU A 584 -19.01 15.22 6.88
CA GLU A 584 -20.25 15.11 7.70
C GLU A 584 -19.99 14.35 9.01
N SER A 585 -19.04 13.40 9.03
CA SER A 585 -18.72 12.59 10.23
C SER A 585 -18.28 13.50 11.42
N PHE A 586 -17.72 14.68 11.14
CA PHE A 586 -17.26 15.62 12.20
C PHE A 586 -18.42 16.00 13.13
N LYS A 587 -19.63 16.10 12.58
CA LYS A 587 -20.88 16.39 13.34
C LYS A 587 -21.19 15.29 14.35
N LYS A 588 -20.62 14.08 14.24
CA LYS A 588 -20.84 12.98 15.22
C LYS A 588 -19.67 12.85 16.21
N LYS A 589 -18.63 13.67 16.06
CA LYS A 589 -17.40 13.55 16.88
C LYS A 589 -17.52 14.52 18.07
N GLY A 590 -16.79 14.22 19.13
CA GLY A 590 -16.57 15.14 20.25
C GLY A 590 -15.15 15.65 20.24
N ALA A 591 -14.58 15.80 21.43
CA ALA A 591 -13.18 16.15 21.62
C ALA A 591 -12.33 14.97 21.15
N LEU A 592 -11.14 15.28 20.63
CA LEU A 592 -10.08 14.30 20.30
C LEU A 592 -8.84 14.62 21.13
N ASN A 593 -8.29 13.61 21.78
CA ASN A 593 -7.02 13.69 22.57
C ASN A 593 -5.89 14.09 21.61
N THR A 594 -5.15 15.15 21.91
CA THR A 594 -4.08 15.65 21.03
C THR A 594 -2.73 15.76 21.74
N ALA A 595 -2.67 15.73 23.07
CA ALA A 595 -1.41 15.89 23.83
C ALA A 595 -1.61 15.36 25.24
N ALA A 596 -0.50 15.19 25.97
CA ALA A 596 -0.45 14.92 27.42
C ALA A 596 0.00 16.20 28.11
N ALA A 597 -0.64 16.59 29.20
CA ALA A 597 -0.16 17.70 30.07
C ALA A 597 1.04 17.20 30.89
N ALA A 598 1.71 18.14 31.57
CA ALA A 598 2.88 17.92 32.45
C ALA A 598 2.62 16.77 33.43
N ASP A 599 1.41 16.69 33.98
CA ASP A 599 1.04 15.70 35.03
C ASP A 599 0.52 14.39 34.39
N LYS A 600 0.74 14.19 33.09
CA LYS A 600 0.43 12.93 32.36
C LYS A 600 -1.07 12.83 32.02
N THR A 601 -1.91 13.77 32.47
CA THR A 601 -3.36 13.81 32.13
C THR A 601 -3.57 14.25 30.67
N GLY A 602 -4.78 14.02 30.14
CA GLY A 602 -5.09 14.16 28.71
C GLY A 602 -5.41 15.59 28.32
N LEU A 603 -4.83 16.07 27.22
CA LEU A 603 -5.25 17.36 26.63
C LEU A 603 -5.97 17.05 25.30
N TYR A 604 -6.98 17.86 24.98
CA TYR A 604 -7.96 17.57 23.91
C TYR A 604 -8.13 18.82 23.03
N SER A 605 -8.45 18.57 21.78
CA SER A 605 -8.77 19.61 20.78
C SER A 605 -10.16 19.34 20.21
N THR A 606 -10.80 20.39 19.70
CA THR A 606 -12.02 20.26 18.89
C THR A 606 -11.62 19.41 17.68
N PRO A 607 -12.55 18.62 17.10
CA PRO A 607 -12.18 17.47 16.27
C PRO A 607 -11.57 17.83 14.91
N ILE A 608 -12.01 18.92 14.27
CA ILE A 608 -11.43 19.30 12.94
C ILE A 608 -9.99 19.76 13.18
N THR A 609 -9.80 20.66 14.14
CA THR A 609 -8.46 21.15 14.55
C THR A 609 -7.55 19.96 14.89
N ALA A 610 -8.00 19.02 15.74
CA ALA A 610 -7.22 17.80 16.08
C ALA A 610 -6.79 17.06 14.80
N THR A 611 -7.69 16.92 13.82
CA THR A 611 -7.50 16.08 12.63
C THR A 611 -6.45 16.74 11.74
N CYS A 612 -6.60 18.04 11.46
CA CYS A 612 -5.64 18.82 10.63
C CYS A 612 -4.28 18.98 11.33
N THR A 613 -4.23 19.11 12.66
CA THR A 613 -2.97 19.46 13.36
C THR A 613 -2.00 18.28 13.43
N THR A 614 -2.43 17.05 13.12
CA THR A 614 -1.52 15.87 13.19
C THR A 614 -0.36 16.12 12.23
N CYS A 615 -0.63 16.66 11.05
CA CYS A 615 0.40 16.98 10.04
C CYS A 615 0.71 18.48 10.03
N HIS A 616 -0.04 19.29 10.78
CA HIS A 616 0.11 20.76 10.80
C HIS A 616 0.23 21.22 12.26
N THR A 617 1.33 20.87 12.92
CA THR A 617 1.49 21.08 14.38
C THR A 617 1.41 22.58 14.67
N VAL A 618 0.55 22.97 15.61
CA VAL A 618 0.40 24.38 16.03
C VAL A 618 1.75 24.85 16.60
N GLY A 619 2.19 26.03 16.16
CA GLY A 619 3.47 26.62 16.58
C GLY A 619 4.65 26.12 15.74
N SER A 620 4.39 25.23 14.79
CA SER A 620 5.43 24.65 13.90
C SER A 620 5.43 25.42 12.58
N GLN A 621 6.40 25.15 11.72
CA GLN A 621 6.49 25.80 10.39
C GLN A 621 5.41 25.23 9.47
N TYR A 622 4.68 24.19 9.90
CA TYR A 622 3.63 23.53 9.08
C TYR A 622 2.23 24.08 9.41
N MET A 623 2.11 25.14 10.23
CA MET A 623 0.78 25.70 10.56
C MET A 623 0.80 27.23 10.67
N VAL A 624 0.30 27.89 9.62
CA VAL A 624 0.14 29.39 9.56
C VAL A 624 -0.82 29.88 10.66
N HIS A 625 -1.88 29.16 11.03
CA HIS A 625 -2.79 29.68 12.07
C HIS A 625 -2.13 29.54 13.44
N THR A 626 -2.02 30.65 14.18
CA THR A 626 -1.65 30.62 15.61
C THR A 626 -2.75 29.96 16.44
N LYS A 627 -2.39 29.51 17.64
CA LYS A 627 -3.37 28.97 18.62
C LYS A 627 -4.51 29.98 18.79
N GLU A 628 -4.17 31.28 18.89
CA GLU A 628 -5.17 32.37 19.14
C GLU A 628 -6.16 32.42 17.97
N THR A 629 -5.66 32.34 16.74
CA THR A 629 -6.49 32.40 15.52
C THR A 629 -7.40 31.18 15.47
N LEU A 630 -6.88 29.98 15.76
CA LEU A 630 -7.69 28.73 15.75
C LEU A 630 -8.82 28.87 16.77
N GLU A 631 -8.51 29.41 17.94
CA GLU A 631 -9.55 29.68 18.99
C GLU A 631 -10.60 30.66 18.44
N SER A 632 -10.17 31.67 17.68
CA SER A 632 -11.09 32.68 17.09
C SER A 632 -12.04 32.00 16.09
N PHE A 633 -11.64 30.84 15.54
CA PHE A 633 -12.49 30.00 14.66
C PHE A 633 -13.22 28.91 15.45
N GLY A 634 -13.32 29.07 16.78
CA GLY A 634 -14.16 28.21 17.66
C GLY A 634 -13.39 27.03 18.24
N ALA A 635 -12.10 26.90 17.90
CA ALA A 635 -11.32 25.70 18.26
C ALA A 635 -10.96 25.73 19.76
N VAL A 636 -10.77 24.56 20.33
CA VAL A 636 -9.97 24.36 21.58
C VAL A 636 -8.73 23.60 21.14
N VAL A 637 -7.56 24.07 21.56
CA VAL A 637 -6.23 23.50 21.16
C VAL A 637 -5.55 22.98 22.42
N ASP A 638 -5.45 21.67 22.59
CA ASP A 638 -4.78 21.05 23.76
C ASP A 638 -5.31 21.70 25.05
N GLY A 639 -6.64 21.73 25.21
CA GLY A 639 -7.33 22.13 26.44
C GLY A 639 -7.85 20.92 27.18
N THR A 640 -8.78 21.14 28.10
CA THR A 640 -9.47 20.08 28.86
C THR A 640 -10.46 19.37 27.94
N LYS A 641 -10.77 18.11 28.25
CA LYS A 641 -11.79 17.35 27.50
C LYS A 641 -13.12 18.10 27.56
N ASP A 642 -13.47 18.68 28.72
CA ASP A 642 -14.77 19.38 28.90
C ASP A 642 -14.83 20.58 27.94
N ASP A 643 -13.79 21.39 27.87
CA ASP A 643 -13.81 22.58 26.98
C ASP A 643 -13.87 22.10 25.52
N ALA A 644 -13.02 21.15 25.13
CA ALA A 644 -12.99 20.61 23.75
C ALA A 644 -14.36 20.01 23.41
N THR A 645 -14.98 19.28 24.33
CA THR A 645 -16.28 18.63 24.12
C THR A 645 -17.37 19.70 23.92
N SER A 646 -17.39 20.72 24.77
CA SER A 646 -18.39 21.82 24.74
C SER A 646 -18.26 22.59 23.42
N ALA A 647 -17.03 22.76 22.92
CA ALA A 647 -16.73 23.48 21.64
C ALA A 647 -16.73 22.55 20.42
N ALA A 648 -17.04 21.25 20.52
CA ALA A 648 -16.74 20.28 19.44
C ALA A 648 -17.49 20.64 18.15
N GLN A 649 -18.60 21.36 18.23
CA GLN A 649 -19.40 21.74 17.04
C GLN A 649 -19.37 23.26 16.86
N SER A 650 -18.34 23.94 17.37
CA SER A 650 -18.23 25.42 17.28
C SER A 650 -17.19 25.83 16.23
N GLU A 651 -16.53 24.88 15.57
CA GLU A 651 -15.41 25.18 14.62
C GLU A 651 -15.98 25.70 13.31
N THR A 652 -15.43 26.78 12.79
CA THR A 652 -15.89 27.41 11.53
C THR A 652 -14.94 27.02 10.39
N CYS A 653 -14.04 26.04 10.60
CA CYS A 653 -12.98 25.66 9.62
C CYS A 653 -13.58 25.50 8.21
N PHE A 654 -14.73 24.82 8.08
CA PHE A 654 -15.30 24.46 6.75
C PHE A 654 -16.09 25.62 6.14
N TYR A 655 -16.15 26.80 6.78
CA TYR A 655 -16.58 28.04 6.11
C TYR A 655 -15.58 28.36 4.98
N CYS A 656 -14.29 28.24 5.26
CA CYS A 656 -13.17 28.61 4.36
C CYS A 656 -12.64 27.36 3.67
N HIS A 657 -12.41 26.28 4.41
CA HIS A 657 -11.73 25.06 3.91
C HIS A 657 -12.76 24.17 3.19
N THR A 658 -12.50 23.88 1.93
CA THR A 658 -13.35 23.00 1.07
C THR A 658 -12.48 21.85 0.58
N PRO A 659 -11.89 21.04 1.49
CA PRO A 659 -10.93 20.01 1.10
C PRO A 659 -11.58 18.91 0.25
N THR A 660 -10.88 18.50 -0.81
CA THR A 660 -11.22 17.29 -1.60
C THR A 660 -10.00 16.39 -1.61
N VAL A 661 -10.17 15.10 -1.88
CA VAL A 661 -9.02 14.15 -1.90
C VAL A 661 -8.01 14.63 -2.95
N ALA A 662 -8.51 15.14 -4.08
CA ALA A 662 -7.67 15.65 -5.19
C ALA A 662 -6.91 16.87 -4.71
N ASP A 663 -7.55 17.75 -3.91
CA ASP A 663 -6.88 18.96 -3.37
C ASP A 663 -7.44 19.29 -1.98
N HIS A 664 -6.80 18.76 -0.94
CA HIS A 664 -7.19 18.94 0.48
C HIS A 664 -6.87 20.36 0.95
N THR A 665 -6.08 21.11 0.18
CA THR A 665 -5.61 22.48 0.55
C THR A 665 -6.64 23.54 0.16
N LYS A 666 -7.71 23.14 -0.53
CA LYS A 666 -8.58 24.09 -1.27
C LYS A 666 -9.34 24.93 -0.25
N VAL A 667 -9.28 26.25 -0.46
CA VAL A 667 -10.04 27.26 0.31
C VAL A 667 -10.84 28.13 -0.67
N LYS A 668 -11.86 28.81 -0.17
CA LYS A 668 -12.58 29.90 -0.89
C LYS A 668 -11.61 31.06 -1.14
FE HEC B . 9.73 1.03 -4.47
CHA HEC B . 12.01 2.57 -2.40
CHB HEC B . 11.37 2.24 -7.23
CHC HEC B . 7.70 -0.86 -6.54
CHD HEC B . 7.79 0.22 -1.79
NA HEC B . 11.41 2.19 -4.76
C1A HEC B . 12.22 2.69 -3.84
C2A HEC B . 13.38 3.44 -4.38
C3A HEC B . 13.20 3.34 -5.83
C4A HEC B . 11.96 2.54 -5.94
CMA HEC B . 14.00 3.91 -6.94
CAA HEC B . 14.51 4.06 -3.63
CBA HEC B . 14.44 5.56 -3.58
CGA HEC B . 13.87 5.73 -2.23
O1A HEC B . 12.68 6.07 -2.28
O2A HEC B . 14.58 5.45 -1.21
NB HEC B . 9.54 0.79 -6.53
C1B HEC B . 10.27 1.35 -7.48
C2B HEC B . 9.89 1.04 -8.86
C3B HEC B . 8.82 0.09 -8.65
C4B HEC B . 8.71 -0.02 -7.19
CMB HEC B . 10.53 1.52 -10.13
CAB HEC B . 8.02 -0.64 -9.71
CBB HEC B . 8.86 -1.71 -10.38
NC HEC B . 8.06 -0.12 -4.21
C1C HEC B . 7.40 -0.84 -5.13
C2C HEC B . 6.22 -1.57 -4.64
C3C HEC B . 6.27 -1.26 -3.23
C4C HEC B . 7.40 -0.33 -3.06
CMC HEC B . 5.29 -2.43 -5.44
CAC HEC B . 5.23 -1.66 -2.22
CBC HEC B . 4.90 -3.11 -2.05
ND HEC B . 9.86 1.35 -2.44
C1D HEC B . 8.98 0.98 -1.51
C2D HEC B . 9.34 1.33 -0.13
C3D HEC B . 10.61 2.02 -0.32
C4D HEC B . 10.82 2.01 -1.77
CMD HEC B . 8.60 1.07 1.15
CAD HEC B . 11.49 2.69 0.69
CBD HEC B . 11.11 4.18 0.61
CGD HEC B . 11.77 4.97 1.72
O1D HEC B . 12.87 4.58 2.24
O2D HEC B . 11.15 5.97 2.07
FE HEC C . 18.29 6.70 -12.40
CHA HEC C . 21.16 6.67 -10.53
CHB HEC C . 16.56 5.17 -9.83
CHC HEC C . 15.38 6.79 -14.30
CHD HEC C . 20.03 8.08 -15.04
NA HEC C . 18.78 6.04 -10.52
C1A HEC C . 19.97 6.08 -9.92
C2A HEC C . 20.00 5.50 -8.56
C3A HEC C . 18.63 5.10 -8.35
C4A HEC C . 17.98 5.47 -9.62
CMA HEC C . 18.05 4.44 -7.13
CAA HEC C . 21.14 5.36 -7.60
CBA HEC C . 21.67 3.93 -7.90
CGA HEC C . 22.87 3.52 -7.06
O1A HEC C . 23.62 4.45 -6.65
O2A HEC C . 23.04 2.28 -6.81
NB HEC C . 16.33 6.10 -12.09
C1B HEC C . 15.79 5.49 -11.03
C2B HEC C . 14.34 5.14 -11.15
C3B HEC C . 14.06 5.64 -12.47
C4B HEC C . 15.30 6.20 -12.97
CMB HEC C . 13.42 4.48 -10.17
CAB HEC C . 12.74 5.65 -13.17
CBB HEC C . 11.74 6.52 -12.46
NC HEC C . 17.78 7.34 -14.30
C1C HEC C . 16.59 7.28 -14.91
C2C HEC C . 16.56 7.72 -16.29
C3C HEC C . 17.94 8.11 -16.49
C4C HEC C . 18.63 7.78 -15.23
CMC HEC C . 15.35 7.77 -17.19
CAC HEC C . 18.63 8.52 -17.76
CBC HEC C . 17.85 9.25 -18.80
ND HEC C . 20.27 7.33 -12.75
C1D HEC C . 20.80 7.87 -13.84
C2D HEC C . 22.19 8.20 -13.76
C3D HEC C . 22.55 7.78 -12.38
C4D HEC C . 21.27 7.26 -11.88
CMD HEC C . 23.04 8.82 -14.84
CAD HEC C . 23.86 7.77 -11.63
CBD HEC C . 24.57 6.45 -11.97
CGD HEC C . 25.93 6.42 -11.34
O1D HEC C . 26.01 6.33 -10.10
O2D HEC C . 26.92 6.48 -12.07
FE HEC D . 12.51 -8.60 -10.16
CHA HEC D . 13.88 -7.98 -13.32
CHB HEC D . 13.81 -11.73 -10.22
CHC HEC D . 11.34 -9.13 -7.03
CHD HEC D . 11.00 -5.48 -10.25
NA HEC D . 13.67 -9.67 -11.51
C1A HEC D . 14.14 -9.28 -12.73
C2A HEC D . 14.93 -10.29 -13.43
C3A HEC D . 14.91 -11.41 -12.51
C4A HEC D . 14.11 -10.91 -11.37
CMA HEC D . 15.56 -12.75 -12.63
CAA HEC D . 15.63 -10.19 -14.75
CBA HEC D . 14.88 -10.90 -15.86
CGA HEC D . 15.69 -10.85 -17.15
O1A HEC D . 15.06 -10.98 -18.23
O2A HEC D . 16.96 -10.70 -17.06
NB HEC D . 12.55 -10.19 -8.85
C1B HEC D . 13.10 -11.37 -9.02
C2B HEC D . 12.97 -12.34 -7.92
C3B HEC D . 12.23 -11.55 -6.96
C4B HEC D . 12.01 -10.26 -7.64
CMB HEC D . 13.48 -13.76 -7.84
CAB HEC D . 11.73 -12.03 -5.61
CBB HEC D . 12.73 -12.60 -4.64
NC HEC D . 11.36 -7.48 -8.86
C1C HEC D . 11.04 -7.83 -7.61
C2C HEC D . 10.23 -6.85 -6.87
C3C HEC D . 10.17 -5.77 -7.84
C4C HEC D . 10.88 -6.25 -9.03
CMC HEC D . 9.69 -6.94 -5.48
CAC HEC D . 9.46 -4.46 -7.67
CBC HEC D . 9.96 -3.67 -6.48
ND HEC D . 12.41 -7.04 -11.54
C1D HEC D . 11.76 -5.87 -11.42
C2D HEC D . 11.92 -4.93 -12.54
C3D HEC D . 12.80 -5.66 -13.45
C4D HEC D . 13.04 -6.92 -12.73
CMD HEC D . 11.32 -3.59 -12.67
CAD HEC D . 13.33 -5.19 -14.79
CBD HEC D . 12.40 -5.63 -15.89
CGD HEC D . 12.97 -5.23 -17.23
O1D HEC D . 14.17 -4.95 -17.30
O2D HEC D . 12.16 -5.14 -18.19
FE HEC E . 16.89 -15.70 -3.86
CHA HEC E . 16.40 -17.71 -1.19
CHB HEC E . 18.15 -18.33 -5.65
CHC HEC E . 17.03 -13.73 -6.65
CHD HEC E . 15.79 -12.99 -2.04
NA HEC E . 17.24 -17.68 -3.48
C1A HEC E . 17.02 -18.32 -2.36
C2A HEC E . 17.38 -19.75 -2.34
C3A HEC E . 17.89 -19.97 -3.70
C4A HEC E . 17.76 -18.61 -4.27
CMA HEC E . 18.42 -21.23 -4.31
CAA HEC E . 17.12 -20.71 -1.22
CBA HEC E . 18.32 -21.46 -0.69
CGA HEC E . 19.36 -20.56 -0.09
O1A HEC E . 18.98 -19.37 -0.05
O2A HEC E . 20.48 -21.03 0.29
NB HEC E . 17.50 -15.97 -5.81
C1B HEC E . 17.93 -17.10 -6.38
C2B HEC E . 18.23 -16.99 -7.82
C3B HEC E . 17.88 -15.61 -8.08
C4B HEC E . 17.41 -15.10 -6.81
CMB HEC E . 18.73 -18.06 -8.73
CAB HEC E . 17.98 -14.86 -9.38
CBB HEC E . 16.89 -15.32 -10.34
NC HEC E . 16.47 -13.71 -4.29
C1C HEC E . 16.63 -13.07 -5.43
C2C HEC E . 16.33 -11.64 -5.43
C3C HEC E . 15.98 -11.42 -4.03
C4C HEC E . 16.10 -12.74 -3.43
CMC HEC E . 16.37 -10.66 -6.57
CAC HEC E . 15.63 -10.09 -3.42
CBC HEC E . 14.38 -9.44 -3.99
ND HEC E . 16.21 -15.41 -1.93
C1D HEC E . 15.76 -14.28 -1.38
C2D HEC E . 15.28 -14.45 0.02
C3D HEC E . 15.47 -15.87 0.27
C4D HEC E . 16.03 -16.33 -1.01
CMD HEC E . 14.73 -13.38 0.92
CAD HEC E . 15.14 -16.69 1.47
CBD HEC E . 13.77 -17.27 1.09
CGD HEC E . 13.13 -18.15 2.16
O1D HEC E . 11.93 -17.95 2.50
O2D HEC E . 13.82 -19.08 2.64
FE HEC F . 23.22 -21.61 -7.77
CHA HEC F . 22.43 -21.40 -4.50
CHB HEC F . 22.42 -18.28 -8.23
CHC HEC F . 24.60 -21.73 -10.89
CHD HEC F . 23.07 -25.03 -7.65
NA HEC F . 22.54 -20.07 -6.55
C1A HEC F . 22.27 -20.16 -5.25
C2A HEC F . 21.80 -18.91 -4.65
C3A HEC F . 21.79 -18.00 -5.78
C4A HEC F . 22.27 -18.82 -6.88
CMA HEC F . 21.40 -16.58 -5.85
CAA HEC F . 21.37 -18.61 -3.26
CBA HEC F . 22.54 -18.53 -2.29
CGA HEC F . 22.07 -18.26 -0.88
O1A HEC F . 20.87 -17.93 -0.66
O2A HEC F . 22.91 -18.39 0.03
NB HEC F . 23.48 -20.21 -9.29
C1B HEC F . 23.06 -18.96 -9.35
C2B HEC F . 23.36 -18.23 -10.58
C3B HEC F . 24.03 -19.26 -11.34
C4B HEC F . 24.05 -20.44 -10.48
CMB HEC F . 23.05 -16.80 -10.88
CAB HEC F . 24.62 -19.08 -12.70
CBB HEC F . 25.68 -18.00 -12.61
NC HEC F . 23.77 -23.14 -9.04
C1C HEC F . 24.32 -23.02 -10.25
C2C HEC F . 24.58 -24.29 -10.98
C3C HEC F . 24.11 -25.25 -10.00
C4C HEC F . 23.60 -24.45 -8.87
CMC HEC F . 25.19 -24.51 -12.34
CAC HEC F . 24.04 -26.75 -10.19
CBC HEC F . 25.34 -27.51 -10.39
ND HEC F . 22.86 -23.00 -6.31
C1D HEC F . 22.79 -24.32 -6.44
C2D HEC F . 22.47 -25.05 -5.19
C3D HEC F . 22.32 -23.95 -4.22
C4D HEC F . 22.56 -22.75 -5.04
CMD HEC F . 22.36 -26.53 -4.99
CAD HEC F . 21.94 -24.05 -2.76
CBD HEC F . 20.41 -24.31 -2.78
CGD HEC F . 19.76 -24.29 -1.39
O1D HEC F . 18.50 -24.24 -1.25
O2D HEC F . 20.54 -24.34 -0.42
FE HEC G . 1.04 1.68 6.43
CHA HEC G . 3.72 1.58 8.57
CHB HEC G . -0.95 0.25 8.79
CHC HEC G . -1.71 2.46 4.46
CHD HEC G . 3.15 2.23 3.80
NA HEC G . 1.34 1.03 8.36
C1A HEC G . 2.45 1.02 9.07
C2A HEC G . 2.29 0.42 10.40
C3A HEC G . 0.91 0.01 10.49
C4A HEC G . 0.44 0.43 9.15
CMA HEC G . 0.22 -0.67 11.65
CAA HEC G . 3.30 0.19 11.47
CBA HEC G . 3.60 -1.30 11.50
CGA HEC G . 4.29 -1.78 10.26
O1A HEC G . 5.31 -1.17 9.81
O2A HEC G . 3.79 -2.81 9.71
NB HEC G . -1.02 1.41 6.59
C1B HEC G . -1.64 0.83 7.62
C2B HEC G . -3.10 0.78 7.50
C3B HEC G . -3.28 1.43 6.24
C4B HEC G . -1.97 1.82 5.76
CMB HEC G . -4.17 0.21 8.39
CAB HEC G . -4.68 1.65 5.80
CBB HEC G . -4.98 3.01 5.29
NC HEC G . 0.77 2.22 4.46
C1C HEC G . -0.38 2.50 3.82
C2C HEC G . -0.19 2.78 2.39
C3C HEC G . 1.26 2.70 2.23
C4C HEC G . 1.74 2.30 3.54
CMC HEC G . -1.24 3.10 1.39
CAC HEC G . 2.04 2.79 0.93
CBC HEC G . 2.04 4.07 0.18
ND HEC G . 3.11 1.90 6.23
C1D HEC G . 3.82 2.17 5.12
C2D HEC G . 5.27 2.35 5.33
C3D HEC G . 5.39 2.16 6.77
C4D HEC G . 4.01 1.91 7.20
CMD HEC G . 6.36 2.65 4.34
CAD HEC G . 6.60 2.19 7.63
CBD HEC G . 7.34 0.91 7.47
CGD HEC G . 8.58 0.96 8.31
O1D HEC G . 9.30 -0.06 8.28
O2D HEC G . 8.80 1.98 9.01
FE HEC H . -3.43 0.03 16.75
CHA HEC H . -0.47 1.65 17.38
CHB HEC H . -3.30 1.05 13.50
CHC HEC H . -6.26 -1.87 16.08
CHD HEC H . -3.74 -0.68 20.11
NA HEC H . -2.09 1.17 15.61
C1A HEC H . -0.96 1.74 16.01
C2A HEC H . -0.18 2.46 14.98
C3A HEC H . -1.04 2.28 13.79
C4A HEC H . -2.18 1.48 14.32
CMA HEC H . -0.89 2.76 12.38
CAA HEC H . 1.14 3.16 15.17
CBA HEC H . 2.28 2.24 14.65
CGA HEC H . 2.41 0.98 15.46
O1A HEC H . 2.12 -0.14 14.94
O2A HEC H . 2.80 1.11 16.63
NB HEC H . -4.57 -0.36 15.10
C1B HEC H . -4.39 0.17 13.88
C2B HEC H . -5.35 -0.27 12.86
C3B HEC H . -6.23 -1.13 13.66
C4B HEC H . -5.67 -1.13 15.00
CMB HEC H . -5.43 0.14 11.42
CAB HEC H . -7.42 -1.87 13.16
CBB HEC H . -6.98 -2.90 12.15
NC HEC H . -4.75 -1.09 17.88
C1C HEC H . -5.83 -1.77 17.46
C2C HEC H . -6.58 -2.43 18.51
C3C HEC H . -5.83 -2.12 19.70
C4C HEC H . -4.74 -1.25 19.22
CMC HEC H . -7.80 -3.24 18.29
CAC HEC H . -6.23 -2.52 21.10
CBC HEC H . -6.30 -4.02 21.34
ND HEC H . -2.30 0.41 18.44
C1D HEC H . -2.58 0.08 19.71
C2D HEC H . -1.62 0.53 20.73
C3D HEC H . -0.60 1.20 19.93
C4D HEC H . -1.15 1.08 18.54
CMD HEC H . -1.61 0.29 22.21
CAD HEC H . 0.66 1.88 20.41
CBD HEC H . 0.30 3.25 20.96
CGD HEC H . -0.01 4.26 19.86
O1D HEC H . 0.78 4.41 18.89
O2D HEC H . -1.02 4.95 19.95
FE HEC I . -6.97 10.64 6.37
CHA HEC I . -9.58 10.22 8.51
CHB HEC I . -7.87 13.94 5.89
CHC HEC I . -4.31 11.09 4.22
CHD HEC I . -6.00 7.35 6.86
NA HEC I . -8.49 11.87 7.07
C1A HEC I . -9.48 11.51 7.88
C2A HEC I . -10.44 12.58 8.19
C3A HEC I . -9.94 13.69 7.39
C4A HEC I . -8.76 13.14 6.75
CMA HEC I . -10.54 15.05 7.29
CAA HEC I . -11.70 12.49 9.04
CBA HEC I . -12.93 12.33 8.09
CGA HEC I . -13.10 10.91 7.51
O1A HEC I . -13.09 9.91 8.28
O2A HEC I . -13.20 10.77 6.27
NB HEC I . -6.21 12.21 5.29
C1B HEC I . -6.70 13.46 5.22
C2B HEC I . -5.98 14.39 4.36
C3B HEC I . -4.93 13.55 3.86
C4B HEC I . -5.16 12.24 4.48
CMB HEC I . -6.29 15.81 4.11
CAB HEC I . -3.86 13.99 2.84
CBB HEC I . -2.86 15.00 3.30
NC HEC I . -5.45 9.40 5.64
C1C HEC I . -4.48 9.75 4.78
C2C HEC I . -3.52 8.68 4.40
C3C HEC I . -4.02 7.60 5.22
C4C HEC I . -5.20 8.12 5.92
CMC HEC I . -2.34 8.75 3.48
CAC HEC I . -3.48 6.20 5.15
CBC HEC I . -2.10 6.01 5.68
ND HEC I . -7.66 9.08 7.50
C1D HEC I . -7.15 7.84 7.60
C2D HEC I . -7.89 6.96 8.51
C3D HEC I . -8.94 7.83 8.99
C4D HEC I . -8.69 9.09 8.33
CMD HEC I . -7.63 5.54 8.89
CAD HEC I . -9.96 7.50 10.02
CBD HEC I . -11.32 7.12 9.51
CGD HEC I . -12.18 6.95 10.76
O1D HEC I . -13.07 6.03 10.72
O2D HEC I . -12.00 7.76 11.74
FE HEC J . -2.76 19.68 5.01
CHA HEC J . -0.69 21.41 2.88
CHB HEC J . -4.95 22.25 4.94
CHC HEC J . -4.86 17.92 7.03
CHD HEC J . -0.48 17.08 5.11
NA HEC J . -2.81 21.51 4.08
C1A HEC J . -1.92 22.06 3.29
C2A HEC J . -2.26 23.40 2.78
C3A HEC J . -3.55 23.64 3.38
C4A HEC J . -3.75 22.42 4.15
CMA HEC J . -4.49 24.82 3.29
CAA HEC J . -1.41 24.27 1.86
CBA HEC J . -0.19 24.84 2.63
CGA HEC J . -0.44 26.14 3.40
O1A HEC J . 0.50 26.83 3.88
O2A HEC J . -1.59 26.53 3.56
NB HEC J . -4.61 20.06 5.88
C1B HEC J . -5.37 21.11 5.72
C2B HEC J . -6.66 21.11 6.44
C3B HEC J . -6.61 19.80 7.07
C4B HEC J . -5.33 19.24 6.64
CMB HEC J . -7.72 22.16 6.52
CAB HEC J . -7.69 19.19 7.94
CBB HEC J . -8.96 19.02 7.18
NC HEC J . -2.70 17.81 5.92
C1C HEC J . -3.61 17.28 6.70
C2C HEC J . -3.30 15.95 7.23
C3C HEC J . -2.00 15.69 6.65
C4C HEC J . -1.73 16.90 5.88
CMC HEC J . -4.17 15.11 8.12
CAC HEC J . -1.11 14.49 6.95
CBC HEC J . -1.67 13.11 6.69
ND HEC J . -0.93 19.31 4.12
C1D HEC J . -0.16 18.22 4.27
C2D HEC J . 1.10 18.24 3.50
C3D HEC J . 1.02 19.51 2.82
C4D HEC J . -0.25 20.10 3.31
CMD HEC J . 2.16 17.18 3.39
CAD HEC J . 2.03 20.09 1.89
CBD HEC J . 3.02 20.95 2.66
CGD HEC J . 4.08 21.40 1.66
O1D HEC J . 4.58 20.53 0.88
O2D HEC J . 4.39 22.61 1.61
FE HEC K . -7.28 27.46 7.79
CHA HEC K . -4.31 27.23 6.05
CHB HEC K . -6.64 24.46 9.29
CHC HEC K . -10.04 27.92 9.82
CHD HEC K . -8.24 30.10 5.83
NA HEC K . -5.73 26.07 7.70
C1A HEC K . -4.62 26.13 6.96
C2A HEC K . -3.75 24.95 7.08
C3A HEC K . -4.45 24.12 8.04
C4A HEC K . -5.65 24.91 8.34
CMA HEC K . -4.08 22.78 8.61
CAA HEC K . -2.43 24.72 6.40
CBA HEC K . -1.39 25.35 7.32
CGA HEC K . 0.03 25.32 6.79
O1A HEC K . 0.81 26.22 7.21
O2A HEC K . 0.40 24.42 6.00
NB HEC K . -8.18 26.39 9.31
C1B HEC K . -7.81 25.22 9.78
C2B HEC K . -8.62 24.72 10.91
C3B HEC K . -9.64 25.75 11.06
C4B HEC K . -9.29 26.72 10.02
CMB HEC K . -8.44 23.43 11.65
CAB HEC K . -10.76 25.74 12.05
CBB HEC K . -10.25 25.80 13.46
NC HEC K . -8.85 28.81 7.82
C1C HEC K . -9.87 28.84 8.69
C2C HEC K . -10.89 29.84 8.42
C3C HEC K . -10.34 30.51 7.23
C4C HEC K . -9.10 29.78 6.97
CMC HEC K . -12.13 30.10 9.19
CAC HEC K . -11.02 31.60 6.46
CBC HEC K . -11.20 32.90 7.22
ND HEC K . -6.42 28.49 6.22
C1D HEC K . -6.93 29.52 5.54
C2D HEC K . -6.09 30.09 4.47
C3D HEC K . -4.91 29.22 4.55
C4D HEC K . -5.23 28.30 5.64
CMD HEC K . -6.41 31.24 3.52
CAD HEC K . -3.66 29.28 3.71
CBD HEC K . -3.99 28.68 2.37
CGD HEC K . -2.69 28.52 1.60
O1D HEC K . -2.71 27.71 0.67
O2D HEC K . -1.69 29.18 1.94
CA CA L . 0.99 2.84 -31.63
CA CA M . 20.18 -3.42 -1.18
CA CA N . -18.87 -10.93 10.84
CA CA O . -21.99 24.65 14.80
CA CA P . 2.09 6.12 -19.31
C1 EDO Q . -14.76 33.26 9.12
O1 EDO Q . -15.44 34.48 9.36
C2 EDO Q . -15.27 32.15 9.95
O2 EDO Q . -15.12 32.38 11.33
C1 EDO R . -4.94 7.12 -31.17
O1 EDO R . -3.67 7.03 -31.73
C2 EDO R . -4.84 6.87 -29.72
O2 EDO R . -5.16 8.05 -29.03
C1 EDO S . -2.89 17.57 -1.85
O1 EDO S . -2.16 17.35 -0.64
C2 EDO S . -3.80 16.44 -2.25
O2 EDO S . -5.13 16.53 -1.72
C1 EDO T . 7.48 25.56 5.41
O1 EDO T . 6.54 26.32 4.67
C2 EDO T . 6.97 24.19 5.63
O2 EDO T . 6.49 23.61 4.42
C1 EDO U . 28.15 -25.14 -20.25
O1 EDO U . 28.64 -23.87 -19.91
C2 EDO U . 26.82 -25.12 -20.89
O2 EDO U . 26.06 -26.19 -20.43
C1 EDO V . 1.11 11.39 4.65
O1 EDO V . 2.46 11.38 4.19
C2 EDO V . 0.27 12.50 4.07
O2 EDO V . -0.72 12.08 3.10
C1 EDO W . 4.08 -12.98 9.14
O1 EDO W . 4.55 -13.18 10.47
C2 EDO W . 3.55 -14.20 8.48
O2 EDO W . 2.40 -14.71 9.13
C1 EDO X . -8.05 -13.05 3.02
O1 EDO X . -7.98 -11.80 2.42
C2 EDO X . -6.71 -13.57 3.29
O2 EDO X . -5.98 -13.73 2.09
C ACT Y . -9.51 -5.90 1.25
O ACT Y . -8.31 -6.19 1.47
OXT ACT Y . -9.97 -4.74 1.22
CH3 ACT Y . -10.52 -7.04 1.01
#